data_4XAK
#
_entry.id   4XAK
#
_cell.length_a   47.795
_cell.length_b   146.879
_cell.length_c   200.508
_cell.angle_alpha   90.000
_cell.angle_beta   90.000
_cell.angle_gamma   90.000
#
_symmetry.space_group_name_H-M   'P 21 21 21'
#
loop_
_entity.id
_entity.type
_entity.pdbx_description
1 polymer 'Spike glycoprotein'
2 polymer 'Heavy chain of neutralizing antibody m336'
3 polymer 'Light chain of neutralizing antibody m336'
4 non-polymer 2-acetamido-2-deoxy-beta-D-glucopyranose
5 non-polymer GLYCEROL
6 water water
#
loop_
_entity_poly.entity_id
_entity_poly.type
_entity_poly.pdbx_seq_one_letter_code
_entity_poly.pdbx_strand_id
1 'polypeptide(L)'
;EAKPSGSVVEQAEGVECDFSPLLSGTPPQVYNFKRLVFTNCNYNLTKLLSLFSVNDFTCSQISPAAIASNCYSSLILDYF
SYPLSMKSDLSVSSAGPISQFNYKQSFSNPTCLILATVPHNLTTITKPLKYSYINKCSRFLSDDRTEVPQLVNANQYSPC
VSIVPSTVWEDGDYYRKQLSPLEGGGWLVASGSTVAMTEQLQMGFGITVQYGTDTNSVCPKLEFANDTKIASQLGGSLEV
LFQGPGHHHHHH
;
A,B
2 'polypeptide(L)'
;QVQLVQSGAEVKKPGSSVKVSCKASGGTFSSYAISWVRQAPGQGLEWMGGIIPIFGTASYAQKFQGRVTITADKSTSTAY
MELSSLRSEDTAVYYCARVGYCSSTSCNRGAFDIWGQGTMVTVSSASTKGPSVFPLAPSSKSTSGGTAALGCLVKDYFPE
PVTVSWNSGALTSGVHTFPAVLQSSGLYSLSSVVTVPSSSLGTQTYICNVNHKPSNTKVDKKVEPKSCDKTSGQAGHHHH
HHGDYKDDDDKG
;
H,D
3 'polypeptide(L)'
;DIQLTQSPSSLSASVGDRVTITCRASQGIRNDLGWYQQKPGKAPKLLIYAASSLQSGVPSRFSGSGSGTDFTLTISSLQP
EDFATYYCQQLNSYPLTFGGGTKVEIKRTVAAPSVFIFPPSDEQLKSGTASVVCLLNNFYPREAKVQWKVDNALQSGNSQ
ESVTEQDSKDSTYSLSSTLTLSKADYEKHKVYACEVTHQGLSSPVTKSFNRGEC
;
L,E
#
# COMPACT_ATOMS: atom_id res chain seq x y z
N VAL A 15 20.47 59.67 -45.77
CA VAL A 15 21.40 59.33 -46.84
C VAL A 15 22.43 58.31 -46.39
N GLU A 16 23.11 58.60 -45.28
CA GLU A 16 24.19 57.75 -44.80
C GLU A 16 23.79 56.88 -43.61
N CYS A 17 24.18 55.60 -43.66
CA CYS A 17 23.91 54.66 -42.58
C CYS A 17 24.65 55.05 -41.30
N ASP A 18 23.94 55.03 -40.17
CA ASP A 18 24.52 55.47 -38.90
C ASP A 18 24.87 54.31 -37.97
N PHE A 19 26.17 54.13 -37.72
CA PHE A 19 26.64 53.06 -36.84
C PHE A 19 27.05 53.60 -35.47
N SER A 20 26.60 54.82 -35.17
CA SER A 20 26.95 55.49 -33.92
C SER A 20 26.55 54.75 -32.62
N PRO A 21 25.34 54.17 -32.56
CA PRO A 21 24.97 53.48 -31.31
C PRO A 21 25.96 52.37 -30.92
N LEU A 22 26.67 51.83 -31.91
CA LEU A 22 27.68 50.81 -31.68
C LEU A 22 28.88 51.38 -30.92
N LEU A 23 29.24 52.62 -31.24
CA LEU A 23 30.47 53.22 -30.73
C LEU A 23 30.29 53.83 -29.35
N SER A 24 29.09 53.77 -28.80
CA SER A 24 28.80 54.42 -27.53
C SER A 24 28.16 53.46 -26.52
N GLY A 25 28.64 53.50 -25.28
CA GLY A 25 28.10 52.67 -24.23
C GLY A 25 28.81 51.34 -24.08
N THR A 26 28.29 50.51 -23.18
CA THR A 26 28.85 49.18 -22.95
C THR A 26 28.11 48.14 -23.79
N PRO A 27 28.82 47.49 -24.72
CA PRO A 27 28.20 46.45 -25.53
C PRO A 27 27.74 45.26 -24.70
N PRO A 28 26.57 44.70 -25.01
CA PRO A 28 25.99 43.60 -24.25
C PRO A 28 26.71 42.28 -24.49
N GLN A 29 26.40 41.26 -23.70
CA GLN A 29 26.94 39.93 -23.92
C GLN A 29 26.25 39.29 -25.13
N VAL A 30 26.77 38.13 -25.55
CA VAL A 30 26.32 37.49 -26.77
C VAL A 30 24.83 37.14 -26.75
N TYR A 31 24.32 36.65 -25.62
CA TYR A 31 22.92 36.26 -25.54
C TYR A 31 21.97 37.47 -25.55
N ASN A 32 22.52 38.67 -25.33
CA ASN A 32 21.71 39.87 -25.42
C ASN A 32 22.19 40.79 -26.55
N PHE A 33 22.61 40.21 -27.66
CA PHE A 33 23.17 40.96 -28.78
C PHE A 33 22.28 42.11 -29.25
N LYS A 34 22.88 43.26 -29.46
CA LYS A 34 22.17 44.43 -29.97
C LYS A 34 22.09 44.38 -31.48
N ARG A 35 20.89 44.61 -32.03
CA ARG A 35 20.68 44.50 -33.46
C ARG A 35 20.34 45.85 -34.10
N LEU A 36 21.10 46.21 -35.13
CA LEU A 36 20.81 47.38 -35.92
C LEU A 36 20.29 46.95 -37.30
N VAL A 37 19.20 47.57 -37.73
CA VAL A 37 18.60 47.27 -39.02
C VAL A 37 18.68 48.50 -39.94
N PHE A 38 19.32 48.32 -41.09
CA PHE A 38 19.52 49.43 -42.02
C PHE A 38 18.78 49.24 -43.35
N THR A 39 17.96 50.23 -43.69
CA THR A 39 17.31 50.28 -44.99
C THR A 39 17.41 51.71 -45.53
N ASN A 40 17.46 51.83 -46.86
CA ASN A 40 17.50 53.14 -47.51
C ASN A 40 18.63 54.05 -47.01
N CYS A 41 19.86 53.58 -47.06
CA CYS A 41 20.99 54.40 -46.63
C CYS A 41 22.31 53.95 -47.27
N ASN A 42 23.33 54.79 -47.14
CA ASN A 42 24.64 54.51 -47.69
C ASN A 42 25.66 54.25 -46.58
N TYR A 43 26.47 53.21 -46.74
CA TYR A 43 27.39 52.81 -45.68
C TYR A 43 28.86 52.90 -46.09
N ASN A 44 29.72 53.08 -45.09
CA ASN A 44 31.16 52.91 -45.27
C ASN A 44 31.66 51.88 -44.26
N LEU A 45 31.62 50.62 -44.65
CA LEU A 45 32.02 49.52 -43.77
C LEU A 45 33.49 49.61 -43.40
N THR A 46 34.32 49.98 -44.37
CA THR A 46 35.77 50.05 -44.16
C THR A 46 36.13 51.07 -43.08
N LYS A 47 35.35 52.15 -43.01
CA LYS A 47 35.61 53.20 -42.04
C LYS A 47 35.23 52.74 -40.63
N LEU A 48 34.18 51.92 -40.55
CA LEU A 48 33.75 51.38 -39.26
C LEU A 48 34.78 50.41 -38.70
N LEU A 49 35.36 49.60 -39.58
CA LEU A 49 36.33 48.60 -39.17
C LEU A 49 37.71 49.21 -38.91
N SER A 50 37.94 50.40 -39.45
CA SER A 50 39.21 51.10 -39.25
C SER A 50 39.31 51.64 -37.82
N LEU A 51 38.18 51.75 -37.14
CA LEU A 51 38.16 52.21 -35.75
C LEU A 51 38.51 51.08 -34.80
N PHE A 52 38.55 49.86 -35.31
CA PHE A 52 38.82 48.68 -34.50
C PHE A 52 40.03 47.91 -35.00
N SER A 53 40.50 46.96 -34.18
CA SER A 53 41.52 46.02 -34.62
C SER A 53 40.86 44.70 -34.99
N VAL A 54 40.52 44.55 -36.28
CA VAL A 54 39.88 43.34 -36.77
C VAL A 54 40.81 42.14 -36.67
N ASN A 55 40.45 41.20 -35.80
CA ASN A 55 41.28 40.02 -35.59
C ASN A 55 40.87 38.88 -36.52
N ASP A 56 39.61 38.87 -36.91
CA ASP A 56 39.09 37.82 -37.77
C ASP A 56 37.88 38.30 -38.56
N PHE A 57 37.84 37.92 -39.83
CA PHE A 57 36.78 38.39 -40.73
C PHE A 57 36.43 37.27 -41.71
N THR A 58 35.35 36.55 -41.41
CA THR A 58 34.90 35.45 -42.26
C THR A 58 33.43 35.63 -42.62
N CYS A 59 33.06 35.13 -43.80
CA CYS A 59 31.69 35.30 -44.30
C CYS A 59 31.15 34.01 -44.92
N SER A 60 29.84 33.93 -45.04
CA SER A 60 29.19 32.77 -45.64
C SER A 60 28.26 33.20 -46.77
N GLN A 61 28.40 32.51 -47.91
CA GLN A 61 27.67 32.84 -49.14
C GLN A 61 27.97 34.27 -49.62
N ILE A 62 29.09 34.81 -49.17
CA ILE A 62 29.57 36.11 -49.63
C ILE A 62 31.02 36.25 -49.18
N SER A 63 31.73 37.23 -49.73
CA SER A 63 33.10 37.49 -49.34
C SER A 63 33.20 38.82 -48.60
N PRO A 64 34.22 38.97 -47.73
CA PRO A 64 34.49 40.22 -47.02
C PRO A 64 34.57 41.42 -47.95
N ALA A 65 35.20 41.24 -49.11
CA ALA A 65 35.33 42.31 -50.09
C ALA A 65 34.00 42.67 -50.71
N ALA A 66 33.17 41.67 -50.98
CA ALA A 66 31.90 41.88 -51.66
C ALA A 66 30.84 42.51 -50.73
N ILE A 67 30.89 42.17 -49.45
CA ILE A 67 29.87 42.66 -48.52
C ILE A 67 30.08 44.14 -48.20
N ALA A 68 31.22 44.68 -48.60
CA ALA A 68 31.52 46.09 -48.38
C ALA A 68 31.30 46.90 -49.65
N SER A 69 30.75 46.27 -50.68
CA SER A 69 30.63 46.91 -51.98
C SER A 69 29.36 46.53 -52.75
N ASN A 70 28.36 46.01 -52.06
CA ASN A 70 27.11 45.61 -52.70
C ASN A 70 25.88 46.34 -52.16
N CYS A 71 24.82 46.40 -52.96
CA CYS A 71 23.57 47.01 -52.54
C CYS A 71 22.57 45.96 -52.08
N TYR A 72 21.91 46.23 -50.95
CA TYR A 72 20.94 45.29 -50.39
C TYR A 72 19.61 45.97 -50.11
N SER A 73 18.58 45.17 -49.87
CA SER A 73 17.29 45.70 -49.49
C SER A 73 17.23 45.95 -47.99
N SER A 74 18.11 45.27 -47.25
CA SER A 74 18.22 45.46 -45.81
C SER A 74 19.57 44.98 -45.30
N LEU A 75 20.11 45.68 -44.30
CA LEU A 75 21.37 45.27 -43.69
C LEU A 75 21.20 45.18 -42.18
N ILE A 76 21.46 43.99 -41.65
CA ILE A 76 21.34 43.74 -40.22
C ILE A 76 22.71 43.60 -39.58
N LEU A 77 22.95 44.38 -38.53
CA LEU A 77 24.22 44.33 -37.82
C LEU A 77 24.02 44.01 -36.35
N ASP A 78 24.57 42.87 -35.93
CA ASP A 78 24.50 42.45 -34.53
C ASP A 78 25.87 42.60 -33.89
N TYR A 79 25.94 43.24 -32.73
CA TYR A 79 27.21 43.39 -32.02
C TYR A 79 27.08 43.08 -30.53
N PHE A 80 28.19 42.62 -29.95
CA PHE A 80 28.21 42.17 -28.57
C PHE A 80 29.64 41.97 -28.10
N SER A 81 29.85 42.08 -26.79
CA SER A 81 31.14 41.74 -26.19
C SER A 81 31.41 40.26 -26.36
N TYR A 82 32.58 39.92 -26.89
CA TYR A 82 32.93 38.52 -27.12
C TYR A 82 34.44 38.30 -27.05
N PRO A 83 34.87 37.34 -26.22
CA PRO A 83 36.28 37.00 -26.07
C PRO A 83 36.86 36.34 -27.32
N LEU A 84 37.99 36.85 -27.80
CA LEU A 84 38.62 36.38 -29.02
C LEU A 84 38.95 34.89 -28.97
N SER A 85 39.24 34.38 -27.79
CA SER A 85 39.64 32.99 -27.59
C SER A 85 38.58 31.96 -28.00
N MET A 86 37.31 32.34 -27.91
CA MET A 86 36.22 31.42 -28.19
C MET A 86 35.72 31.57 -29.62
N LYS A 87 36.63 31.96 -30.50
CA LYS A 87 36.37 32.13 -31.92
C LYS A 87 35.64 30.95 -32.55
N SER A 88 36.18 29.74 -32.35
CA SER A 88 35.60 28.56 -32.99
C SER A 88 34.22 28.22 -32.43
N ASP A 89 33.93 28.69 -31.22
CA ASP A 89 32.62 28.45 -30.63
C ASP A 89 31.55 29.27 -31.33
N LEU A 90 31.99 30.33 -32.01
CA LEU A 90 31.06 31.22 -32.69
C LEU A 90 30.85 30.75 -34.13
N SER A 91 30.76 29.44 -34.29
CA SER A 91 30.46 28.84 -35.58
C SER A 91 29.37 27.80 -35.41
N VAL A 92 28.45 27.76 -36.37
CA VAL A 92 27.34 26.82 -36.30
C VAL A 92 27.84 25.41 -36.60
N SER A 93 28.99 25.32 -37.26
CA SER A 93 29.61 24.03 -37.52
C SER A 93 29.93 23.34 -36.19
N SER A 94 30.28 24.17 -35.21
CA SER A 94 30.54 23.68 -33.86
C SER A 94 29.25 23.48 -33.09
N ALA A 95 29.23 22.48 -32.21
CA ALA A 95 28.05 22.21 -31.40
C ALA A 95 28.23 22.82 -30.02
N GLY A 96 28.67 24.06 -29.98
CA GLY A 96 28.90 24.76 -28.72
C GLY A 96 27.66 25.43 -28.18
N PRO A 97 27.71 25.82 -26.90
CA PRO A 97 26.56 26.48 -26.24
C PRO A 97 26.28 27.86 -26.84
N ILE A 98 27.29 28.47 -27.45
CA ILE A 98 27.13 29.76 -28.10
C ILE A 98 26.15 29.72 -29.27
N SER A 99 26.33 28.74 -30.15
CA SER A 99 25.46 28.63 -31.32
C SER A 99 24.18 27.88 -30.97
N GLN A 100 24.18 27.17 -29.85
CA GLN A 100 23.01 26.41 -29.42
C GLN A 100 22.03 27.24 -28.59
N PHE A 101 22.54 28.07 -27.69
CA PHE A 101 21.68 28.77 -26.74
C PHE A 101 21.77 30.29 -26.80
N ASN A 102 22.83 30.82 -27.41
CA ASN A 102 23.05 32.27 -27.40
C ASN A 102 22.76 32.95 -28.73
N TYR A 103 23.64 32.73 -29.70
CA TYR A 103 23.53 33.44 -30.98
C TYR A 103 23.63 32.49 -32.16
N LYS A 104 22.80 32.74 -33.17
CA LYS A 104 22.68 31.86 -34.32
C LYS A 104 22.27 32.69 -35.54
N GLN A 105 23.17 32.83 -36.50
CA GLN A 105 22.90 33.65 -37.67
C GLN A 105 22.00 32.95 -38.67
N SER A 106 21.47 33.72 -39.60
CA SER A 106 20.58 33.21 -40.64
C SER A 106 21.26 32.16 -41.52
N PHE A 107 20.46 31.25 -42.05
CA PHE A 107 20.96 30.20 -42.94
C PHE A 107 20.69 30.55 -44.40
N SER A 108 19.51 31.06 -44.67
CA SER A 108 19.07 31.34 -46.02
C SER A 108 19.49 32.73 -46.51
N ASN A 109 20.33 33.40 -45.73
CA ASN A 109 20.85 34.70 -46.13
C ASN A 109 22.37 34.78 -45.96
N PRO A 110 23.04 35.50 -46.87
CA PRO A 110 24.49 35.73 -46.75
C PRO A 110 24.83 36.40 -45.42
N THR A 111 25.83 35.86 -44.72
CA THR A 111 26.22 36.39 -43.43
C THR A 111 27.73 36.61 -43.32
N CYS A 112 28.12 37.50 -42.43
CA CYS A 112 29.53 37.67 -42.11
C CYS A 112 29.73 37.75 -40.60
N LEU A 113 30.91 37.35 -40.14
CA LEU A 113 31.23 37.39 -38.72
C LEU A 113 32.58 38.03 -38.49
N ILE A 114 32.61 39.11 -37.71
CA ILE A 114 33.83 39.85 -37.44
C ILE A 114 34.19 39.83 -35.97
N LEU A 115 35.44 39.46 -35.69
CA LEU A 115 35.97 39.51 -34.34
C LEU A 115 36.98 40.64 -34.25
N ALA A 116 36.69 41.64 -33.43
CA ALA A 116 37.54 42.81 -33.34
C ALA A 116 37.88 43.18 -31.91
N THR A 117 38.96 43.94 -31.74
CA THR A 117 39.38 44.42 -30.44
C THR A 117 39.36 45.94 -30.42
N VAL A 118 38.79 46.50 -29.36
CA VAL A 118 38.72 47.95 -29.20
C VAL A 118 40.08 48.52 -28.83
N PRO A 119 40.61 49.45 -29.65
CA PRO A 119 41.87 50.11 -29.31
C PRO A 119 41.67 51.12 -28.19
N HIS A 120 42.77 51.52 -27.56
CA HIS A 120 42.70 52.41 -26.41
C HIS A 120 42.20 53.81 -26.76
N ASN A 121 42.36 54.22 -28.01
CA ASN A 121 41.95 55.56 -28.41
C ASN A 121 40.46 55.66 -28.74
N LEU A 122 39.74 54.56 -28.52
CA LEU A 122 38.29 54.55 -28.68
C LEU A 122 37.64 54.41 -27.31
N THR A 123 37.74 55.48 -26.51
CA THR A 123 37.31 55.45 -25.12
C THR A 123 35.80 55.50 -24.95
N THR A 124 35.09 55.87 -26.01
CA THR A 124 33.63 55.98 -25.95
C THR A 124 32.96 54.63 -25.70
N ILE A 125 33.63 53.55 -26.11
CA ILE A 125 33.14 52.20 -25.85
C ILE A 125 33.68 51.70 -24.52
N THR A 126 32.79 51.52 -23.56
CA THR A 126 33.19 51.13 -22.20
C THR A 126 33.13 49.62 -22.02
N LYS A 127 33.94 49.11 -21.10
CA LYS A 127 34.03 47.68 -20.87
C LYS A 127 33.01 47.19 -19.85
N PRO A 128 32.43 46.00 -20.10
CA PRO A 128 31.59 45.37 -19.09
C PRO A 128 32.44 44.76 -17.98
N LEU A 129 31.81 44.30 -16.90
CA LEU A 129 32.53 43.75 -15.76
C LEU A 129 33.34 42.52 -16.16
N LYS A 130 32.79 41.77 -17.11
CA LYS A 130 33.39 40.52 -17.56
C LYS A 130 32.64 40.05 -18.80
N TYR A 131 33.14 38.97 -19.40
CA TYR A 131 32.40 38.28 -20.44
C TYR A 131 31.50 37.24 -19.79
N SER A 132 30.35 36.97 -20.38
CA SER A 132 29.49 35.92 -19.87
C SER A 132 28.54 35.42 -20.95
N TYR A 133 28.22 34.14 -20.90
CA TYR A 133 27.31 33.55 -21.87
C TYR A 133 26.41 32.50 -21.23
N ILE A 134 25.34 32.16 -21.92
CA ILE A 134 24.43 31.10 -21.50
C ILE A 134 25.02 29.74 -21.82
N ASN A 135 25.24 28.92 -20.80
CA ASN A 135 25.81 27.60 -20.98
C ASN A 135 24.73 26.52 -21.12
N LYS A 136 23.65 26.69 -20.38
CA LYS A 136 22.52 25.77 -20.42
C LYS A 136 21.22 26.53 -20.49
N CYS A 137 20.26 26.01 -21.24
CA CYS A 137 18.93 26.62 -21.32
C CYS A 137 17.89 25.56 -21.63
N SER A 138 17.02 25.27 -20.66
CA SER A 138 16.07 24.18 -20.79
C SER A 138 14.74 24.46 -20.09
N ARG A 139 13.70 23.78 -20.55
CA ARG A 139 12.43 23.76 -19.85
C ARG A 139 12.34 22.49 -19.00
N PHE A 140 12.10 22.65 -17.72
CA PHE A 140 11.88 21.52 -16.83
C PHE A 140 10.40 21.34 -16.62
N LEU A 141 9.84 20.30 -17.22
CA LEU A 141 8.40 20.08 -17.25
C LEU A 141 7.81 19.81 -15.86
N SER A 142 6.49 19.89 -15.78
CA SER A 142 5.79 19.77 -14.49
C SER A 142 5.74 18.33 -13.97
N ASP A 143 6.31 17.39 -14.72
CA ASP A 143 6.37 16.00 -14.27
C ASP A 143 7.62 15.75 -13.42
N ASP A 144 8.43 16.78 -13.25
CA ASP A 144 9.67 16.72 -12.47
C ASP A 144 10.63 15.64 -12.98
N ARG A 145 10.60 15.38 -14.29
CA ARG A 145 11.49 14.40 -14.89
C ARG A 145 12.09 14.89 -16.21
N THR A 146 11.22 15.04 -17.22
CA THR A 146 11.67 15.35 -18.56
C THR A 146 12.22 16.76 -18.70
N GLU A 147 13.43 16.85 -19.25
CA GLU A 147 14.09 18.12 -19.51
C GLU A 147 14.12 18.43 -21.00
N VAL A 148 13.67 19.63 -21.37
CA VAL A 148 13.63 20.02 -22.77
C VAL A 148 14.54 21.20 -23.04
N PRO A 149 15.69 20.94 -23.68
CA PRO A 149 16.64 21.99 -24.06
C PRO A 149 16.03 22.95 -25.08
N GLN A 150 16.18 24.24 -24.83
CA GLN A 150 15.60 25.27 -25.68
C GLN A 150 16.66 25.88 -26.58
N LEU A 151 16.83 25.29 -27.76
CA LEU A 151 17.83 25.76 -28.71
C LEU A 151 17.41 27.08 -29.34
N VAL A 152 18.32 28.04 -29.36
CA VAL A 152 18.04 29.35 -29.92
C VAL A 152 17.83 29.25 -31.43
N ASN A 153 16.90 30.05 -31.95
CA ASN A 153 16.64 30.09 -33.39
C ASN A 153 17.41 31.22 -34.04
N ALA A 154 17.48 31.20 -35.36
CA ALA A 154 18.14 32.26 -36.11
C ALA A 154 17.39 33.58 -35.93
N ASN A 155 18.16 34.67 -35.82
CA ASN A 155 17.60 36.01 -35.68
C ASN A 155 16.69 36.16 -34.46
N GLN A 156 16.96 35.36 -33.42
CA GLN A 156 16.14 35.38 -32.23
C GLN A 156 16.99 35.29 -30.97
N TYR A 157 16.42 35.72 -29.85
CA TYR A 157 17.09 35.61 -28.56
C TYR A 157 16.75 34.30 -27.89
N SER A 158 17.57 33.90 -26.92
CA SER A 158 17.28 32.74 -26.10
C SER A 158 16.00 32.95 -25.30
N PRO A 159 15.23 31.88 -25.09
CA PRO A 159 14.06 31.99 -24.20
C PRO A 159 14.49 32.31 -22.77
N CYS A 160 15.74 32.01 -22.44
CA CYS A 160 16.24 32.18 -21.08
C CYS A 160 16.84 33.56 -20.82
N VAL A 161 16.71 34.48 -21.77
CA VAL A 161 17.22 35.83 -21.56
C VAL A 161 16.39 36.56 -20.50
N SER A 162 15.21 36.02 -20.18
CA SER A 162 14.35 36.63 -19.18
C SER A 162 14.77 36.24 -17.76
N ILE A 163 15.52 35.16 -17.62
CA ILE A 163 15.96 34.72 -16.30
C ILE A 163 17.47 34.83 -16.12
N VAL A 164 18.18 35.02 -17.22
CA VAL A 164 19.62 35.23 -17.16
C VAL A 164 19.91 36.73 -17.12
N PRO A 165 20.68 37.17 -16.11
CA PRO A 165 21.03 38.60 -15.97
C PRO A 165 21.96 39.05 -17.09
N SER A 166 22.07 40.36 -17.28
CA SER A 166 22.86 40.91 -18.39
C SER A 166 24.33 40.60 -18.21
N THR A 167 24.73 40.38 -16.96
CA THR A 167 26.10 39.99 -16.65
C THR A 167 26.07 38.95 -15.52
N VAL A 168 26.58 37.76 -15.81
CA VAL A 168 26.59 36.68 -14.83
C VAL A 168 27.55 36.99 -13.68
N TRP A 169 27.07 36.80 -12.45
CA TRP A 169 27.83 37.13 -11.25
C TRP A 169 28.97 36.15 -11.00
N GLU A 170 28.67 34.87 -10.91
CA GLU A 170 29.69 33.84 -10.72
C GLU A 170 29.58 32.76 -11.79
N ASP A 171 30.72 32.17 -12.14
CA ASP A 171 30.74 31.11 -13.14
C ASP A 171 29.93 29.89 -12.71
N GLY A 172 29.08 29.41 -13.61
CA GLY A 172 28.26 28.24 -13.36
C GLY A 172 27.00 28.55 -12.56
N ASP A 173 26.63 29.83 -12.50
CA ASP A 173 25.45 30.25 -11.75
C ASP A 173 24.17 29.61 -12.27
N TYR A 174 23.23 29.42 -11.36
CA TYR A 174 21.99 28.72 -11.66
C TYR A 174 20.80 29.68 -11.66
N TYR A 175 19.94 29.54 -12.67
CA TYR A 175 18.75 30.38 -12.75
C TYR A 175 17.51 29.53 -12.95
N ARG A 176 16.47 29.85 -12.19
CA ARG A 176 15.28 29.01 -12.16
C ARG A 176 14.04 29.86 -11.96
N LYS A 177 13.06 29.68 -12.85
CA LYS A 177 11.81 30.44 -12.79
C LYS A 177 10.63 29.51 -13.01
N GLN A 178 9.65 29.59 -12.13
CA GLN A 178 8.46 28.74 -12.22
C GLN A 178 7.47 29.31 -13.22
N LEU A 179 6.95 28.45 -14.10
CA LEU A 179 6.06 28.90 -15.16
C LEU A 179 4.59 28.66 -14.82
N SER A 180 3.74 29.61 -15.20
CA SER A 180 2.31 29.48 -15.00
C SER A 180 1.74 28.44 -15.97
N PRO A 181 0.56 27.87 -15.63
CA PRO A 181 -0.10 26.91 -16.53
C PRO A 181 -0.27 27.46 -17.95
N LEU A 182 -0.56 28.75 -18.04
CA LEU A 182 -0.72 29.42 -19.34
C LEU A 182 0.58 29.39 -20.13
N GLU A 183 1.71 29.46 -19.42
CA GLU A 183 3.02 29.44 -20.07
C GLU A 183 3.60 28.03 -20.07
N GLY A 184 2.72 27.03 -20.10
CA GLY A 184 3.15 25.64 -20.22
C GLY A 184 3.48 24.98 -18.90
N GLY A 185 3.43 25.74 -17.81
CA GLY A 185 3.71 25.19 -16.50
C GLY A 185 5.16 24.74 -16.35
N GLY A 186 5.45 24.09 -15.23
CA GLY A 186 6.80 23.61 -14.97
C GLY A 186 7.78 24.73 -14.64
N TRP A 187 8.99 24.64 -15.17
CA TRP A 187 10.04 25.59 -14.89
C TRP A 187 10.81 26.02 -16.14
N LEU A 188 11.30 27.26 -16.12
CA LEU A 188 12.30 27.69 -17.08
C LEU A 188 13.65 27.73 -16.36
N VAL A 189 14.60 26.96 -16.85
CA VAL A 189 15.86 26.74 -16.15
C VAL A 189 17.06 27.03 -17.05
N ALA A 190 18.04 27.77 -16.53
CA ALA A 190 19.23 28.11 -17.30
C ALA A 190 20.49 28.16 -16.45
N SER A 191 21.64 28.04 -17.11
CA SER A 191 22.93 28.14 -16.44
C SER A 191 23.87 29.05 -17.25
N GLY A 192 24.69 29.83 -16.55
CA GLY A 192 25.58 30.77 -17.21
C GLY A 192 27.05 30.59 -16.86
N SER A 193 27.91 30.86 -17.84
CA SER A 193 29.35 30.81 -17.63
C SER A 193 29.96 32.20 -17.69
N THR A 194 31.14 32.36 -17.11
CA THR A 194 31.84 33.64 -17.19
C THR A 194 33.24 33.47 -17.79
N VAL A 195 33.71 34.52 -18.45
CA VAL A 195 35.07 34.58 -18.94
C VAL A 195 35.70 35.88 -18.46
N ALA A 196 36.89 35.80 -17.87
CA ALA A 196 37.56 36.97 -17.33
C ALA A 196 37.75 38.04 -18.41
N MET A 197 37.62 39.30 -18.02
CA MET A 197 37.74 40.41 -18.97
C MET A 197 39.18 40.58 -19.44
N THR A 198 39.35 40.73 -20.75
CA THR A 198 40.66 40.97 -21.33
C THR A 198 41.11 42.40 -21.08
N GLU A 199 42.39 42.67 -21.29
CA GLU A 199 42.95 44.01 -21.06
C GLU A 199 42.28 45.03 -21.96
N GLN A 200 42.10 44.66 -23.23
CA GLN A 200 41.33 45.48 -24.15
C GLN A 200 40.02 44.77 -24.47
N LEU A 201 38.93 45.54 -24.58
CA LEU A 201 37.63 44.95 -24.84
C LEU A 201 37.59 44.30 -26.21
N GLN A 202 37.08 43.08 -26.24
CA GLN A 202 36.98 42.32 -27.48
C GLN A 202 35.50 42.08 -27.81
N MET A 203 35.16 42.24 -29.08
CA MET A 203 33.77 42.17 -29.50
C MET A 203 33.56 41.26 -30.70
N GLY A 204 32.30 40.94 -30.96
CA GLY A 204 31.92 40.18 -32.12
C GLY A 204 30.88 40.96 -32.90
N PHE A 205 30.92 40.85 -34.22
CA PHE A 205 29.96 41.52 -35.07
C PHE A 205 29.33 40.53 -36.03
N GLY A 206 28.01 40.48 -36.03
CA GLY A 206 27.28 39.61 -36.94
C GLY A 206 26.55 40.44 -37.98
N ILE A 207 26.93 40.27 -39.24
CA ILE A 207 26.27 40.98 -40.33
C ILE A 207 25.42 40.03 -41.15
N THR A 208 24.19 40.47 -41.46
CA THR A 208 23.34 39.70 -42.35
C THR A 208 22.72 40.63 -43.38
N VAL A 209 22.84 40.27 -44.65
CA VAL A 209 22.26 41.05 -45.73
C VAL A 209 21.16 40.27 -46.44
N GLN A 210 20.23 40.99 -47.04
CA GLN A 210 19.14 40.37 -47.77
C GLN A 210 18.90 41.11 -49.06
N TYR A 211 19.02 40.41 -50.19
CA TYR A 211 18.79 41.02 -51.49
C TYR A 211 17.31 41.03 -51.83
N GLY A 212 16.90 42.01 -52.64
CA GLY A 212 15.53 42.10 -53.08
C GLY A 212 15.43 42.17 -54.60
N THR A 213 14.48 42.94 -55.10
CA THR A 213 14.30 43.11 -56.53
C THR A 213 14.49 44.56 -56.95
N ASP A 214 13.72 45.46 -56.35
CA ASP A 214 13.81 46.89 -56.65
C ASP A 214 14.25 47.69 -55.43
N THR A 215 14.07 47.11 -54.25
CA THR A 215 14.28 47.83 -53.00
C THR A 215 15.71 47.74 -52.48
N ASN A 216 16.67 47.46 -53.37
CA ASN A 216 18.07 47.37 -52.97
C ASN A 216 18.70 48.75 -52.78
N SER A 217 18.41 49.38 -51.64
CA SER A 217 18.81 50.76 -51.42
C SER A 217 19.92 50.92 -50.37
N VAL A 218 20.36 49.81 -49.79
CA VAL A 218 21.47 49.86 -48.84
C VAL A 218 22.78 49.65 -49.59
N CYS A 219 23.33 50.75 -50.10
CA CYS A 219 24.47 50.70 -51.01
C CYS A 219 25.74 51.25 -50.38
N PRO A 220 26.91 50.78 -50.87
CA PRO A 220 28.18 51.29 -50.35
C PRO A 220 28.40 52.75 -50.72
N LYS A 221 28.91 53.54 -49.78
CA LYS A 221 29.18 54.94 -50.02
C LYS A 221 30.30 55.11 -51.04
N LEU A 222 29.96 55.63 -52.21
CA LEU A 222 30.94 55.85 -53.27
C LEU A 222 31.72 57.14 -53.02
N GLU A 223 32.90 57.25 -53.62
CA GLU A 223 33.76 58.39 -53.37
C GLU A 223 33.84 59.32 -54.58
N PHE A 224 33.73 60.62 -54.33
CA PHE A 224 33.70 61.61 -55.40
C PHE A 224 34.79 62.65 -55.24
N ALA A 225 34.95 63.51 -56.26
CA ALA A 225 35.97 64.56 -56.22
C ALA A 225 35.60 65.63 -55.20
N GLN B 1 6.85 18.96 1.32
CA GLN B 1 7.68 18.64 2.47
C GLN B 1 8.60 17.45 2.17
N VAL B 2 9.53 17.66 1.25
CA VAL B 2 10.54 16.65 0.93
C VAL B 2 11.55 16.55 2.06
N GLN B 3 12.06 15.34 2.29
CA GLN B 3 13.08 15.12 3.31
C GLN B 3 14.42 14.74 2.67
N LEU B 4 15.50 14.98 3.42
CA LEU B 4 16.84 14.64 2.95
C LEU B 4 17.45 13.58 3.85
N VAL B 5 17.63 12.39 3.31
CA VAL B 5 18.16 11.28 4.10
C VAL B 5 19.60 10.95 3.71
N GLN B 6 20.52 11.05 4.68
CA GLN B 6 21.94 10.81 4.43
C GLN B 6 22.38 9.43 4.87
N SER B 7 23.50 8.98 4.34
CA SER B 7 24.08 7.68 4.69
C SER B 7 24.64 7.68 6.11
N GLY B 8 24.89 6.49 6.65
CA GLY B 8 25.33 6.33 8.03
C GLY B 8 26.72 6.85 8.33
N ALA B 9 27.12 6.74 9.61
CA ALA B 9 28.41 7.24 10.06
C ALA B 9 29.58 6.53 9.39
N GLU B 10 30.73 7.20 9.36
CA GLU B 10 31.91 6.69 8.67
C GLU B 10 33.17 6.75 9.53
N VAL B 11 33.93 5.66 9.54
CA VAL B 11 35.20 5.63 10.27
C VAL B 11 36.34 5.34 9.28
N LYS B 12 37.24 6.30 9.14
CA LYS B 12 38.26 6.20 8.11
C LYS B 12 39.68 6.41 8.64
N LYS B 13 40.65 5.78 7.99
CA LYS B 13 42.06 5.96 8.32
C LYS B 13 42.57 7.23 7.64
N PRO B 14 43.60 7.86 8.22
CA PRO B 14 44.18 9.07 7.62
C PRO B 14 44.73 8.80 6.23
N GLY B 15 44.31 9.59 5.24
CA GLY B 15 44.79 9.45 3.88
C GLY B 15 43.81 8.76 2.96
N SER B 16 42.76 8.19 3.53
CA SER B 16 41.74 7.49 2.75
C SER B 16 40.67 8.46 2.27
N SER B 17 39.60 7.92 1.70
CA SER B 17 38.51 8.75 1.19
C SER B 17 37.15 8.27 1.71
N VAL B 18 36.17 9.17 1.68
CA VAL B 18 34.82 8.87 2.13
C VAL B 18 33.81 9.43 1.13
N LYS B 19 32.68 8.75 0.98
CA LYS B 19 31.62 9.22 0.09
C LYS B 19 30.26 9.14 0.75
N VAL B 20 29.68 10.30 1.03
CA VAL B 20 28.40 10.40 1.73
C VAL B 20 27.26 10.62 0.74
N SER B 21 26.16 9.90 0.91
CA SER B 21 25.00 10.07 0.04
C SER B 21 23.93 10.95 0.69
N CYS B 22 23.10 11.55 -0.16
CA CYS B 22 22.03 12.45 0.27
C CYS B 22 20.83 12.26 -0.64
N LYS B 23 19.87 11.45 -0.20
CA LYS B 23 18.75 11.09 -1.06
C LYS B 23 17.46 11.84 -0.68
N ALA B 24 16.74 12.31 -1.68
CA ALA B 24 15.46 12.94 -1.46
C ALA B 24 14.42 11.89 -1.08
N SER B 25 13.77 12.09 0.05
CA SER B 25 12.76 11.15 0.53
C SER B 25 11.38 11.79 0.59
N GLY B 26 10.38 11.10 0.07
CA GLY B 26 9.03 11.63 0.02
C GLY B 26 8.94 12.86 -0.86
N GLY B 27 9.67 12.82 -1.97
CA GLY B 27 9.68 13.94 -2.90
C GLY B 27 10.80 13.82 -3.93
N THR B 28 11.19 14.96 -4.50
CA THR B 28 12.23 14.98 -5.52
C THR B 28 13.08 16.23 -5.39
N PHE B 29 14.22 16.25 -6.08
CA PHE B 29 15.10 17.41 -6.10
C PHE B 29 14.46 18.57 -6.87
N SER B 30 13.56 18.22 -7.79
CA SER B 30 12.90 19.19 -8.66
C SER B 30 13.92 20.07 -9.38
N SER B 31 13.78 21.39 -9.23
CA SER B 31 14.70 22.33 -9.86
C SER B 31 15.60 23.00 -8.83
N TYR B 32 15.84 22.33 -7.72
CA TYR B 32 16.60 22.91 -6.61
C TYR B 32 18.03 22.40 -6.53
N ALA B 33 18.94 23.29 -6.13
CA ALA B 33 20.34 22.94 -5.96
C ALA B 33 20.59 22.32 -4.58
N ILE B 34 21.65 21.54 -4.47
CA ILE B 34 21.98 20.86 -3.21
C ILE B 34 23.39 21.24 -2.77
N SER B 35 23.50 21.84 -1.59
CA SER B 35 24.81 22.21 -1.06
C SER B 35 25.27 21.23 0.02
N TRP B 36 26.54 21.33 0.39
CA TRP B 36 27.11 20.53 1.45
C TRP B 36 27.78 21.42 2.48
N VAL B 37 27.56 21.10 3.75
CA VAL B 37 28.12 21.87 4.86
C VAL B 37 28.69 20.88 5.88
N ARG B 38 29.85 21.19 6.44
CA ARG B 38 30.40 20.35 7.50
C ARG B 38 30.56 21.15 8.80
N GLN B 39 30.68 20.42 9.90
CA GLN B 39 30.86 21.05 11.21
C GLN B 39 31.74 20.17 12.09
N ALA B 40 32.91 20.68 12.46
CA ALA B 40 33.82 19.97 13.34
C ALA B 40 33.33 20.10 14.79
N PRO B 41 33.67 19.12 15.64
CA PRO B 41 33.21 19.11 17.04
C PRO B 41 33.56 20.38 17.80
N GLY B 42 32.55 21.16 18.17
CA GLY B 42 32.75 22.39 18.91
C GLY B 42 32.94 23.61 18.03
N GLN B 43 33.12 23.37 16.73
CA GLN B 43 33.36 24.43 15.76
C GLN B 43 32.05 24.92 15.13
N GLY B 44 32.16 25.90 14.24
CA GLY B 44 31.00 26.44 13.55
C GLY B 44 30.70 25.76 12.23
N LEU B 45 29.89 26.42 11.41
CA LEU B 45 29.47 25.86 10.12
C LEU B 45 30.39 26.29 8.97
N GLU B 46 30.54 25.42 7.98
CA GLU B 46 31.43 25.71 6.86
C GLU B 46 30.91 25.11 5.55
N TRP B 47 30.74 25.95 4.53
CA TRP B 47 30.31 25.50 3.21
C TRP B 47 31.46 24.83 2.46
N MET B 48 31.19 23.68 1.86
CA MET B 48 32.21 22.95 1.11
C MET B 48 32.00 23.10 -0.39
N GLY B 49 30.76 22.94 -0.82
CA GLY B 49 30.42 23.05 -2.22
C GLY B 49 28.95 22.76 -2.47
N GLY B 50 28.55 22.81 -3.73
CA GLY B 50 27.17 22.53 -4.09
C GLY B 50 27.06 22.02 -5.51
N ILE B 51 25.85 21.67 -5.92
CA ILE B 51 25.64 21.14 -7.27
C ILE B 51 24.21 21.38 -7.76
N ILE B 52 24.09 21.58 -9.06
CA ILE B 52 22.81 21.66 -9.75
C ILE B 52 22.49 20.31 -10.37
N PRO B 53 21.64 19.51 -9.72
CA PRO B 53 21.32 18.15 -10.17
C PRO B 53 20.92 18.06 -11.63
N ILE B 54 20.05 18.97 -12.08
CA ILE B 54 19.56 18.97 -13.45
C ILE B 54 20.69 19.12 -14.47
N PHE B 55 21.71 19.90 -14.12
CA PHE B 55 22.80 20.18 -15.06
C PHE B 55 24.12 19.50 -14.69
N GLY B 56 24.22 19.05 -13.44
CA GLY B 56 25.44 18.41 -12.98
C GLY B 56 26.55 19.41 -12.72
N THR B 57 26.21 20.69 -12.79
CA THR B 57 27.16 21.77 -12.52
C THR B 57 27.49 21.84 -11.03
N ALA B 58 28.78 21.74 -10.71
CA ALA B 58 29.20 21.76 -9.31
C ALA B 58 30.14 22.91 -9.02
N SER B 59 29.97 23.48 -7.83
CA SER B 59 30.83 24.56 -7.34
C SER B 59 31.45 24.13 -6.03
N TYR B 60 32.66 24.59 -5.76
CA TYR B 60 33.39 24.18 -4.57
C TYR B 60 34.05 25.35 -3.87
N ALA B 61 34.17 25.25 -2.54
CA ALA B 61 35.01 26.17 -1.79
C ALA B 61 36.47 25.89 -2.15
N GLN B 62 37.23 26.95 -2.41
CA GLN B 62 38.62 26.80 -2.86
C GLN B 62 39.49 26.07 -1.84
N LYS B 63 39.05 26.06 -0.59
CA LYS B 63 39.76 25.37 0.48
C LYS B 63 39.87 23.87 0.22
N PHE B 64 38.83 23.29 -0.38
CA PHE B 64 38.77 21.85 -0.54
C PHE B 64 38.99 21.36 -1.98
N GLN B 65 39.11 22.30 -2.92
CA GLN B 65 39.32 21.96 -4.33
C GLN B 65 40.53 21.05 -4.51
N GLY B 66 40.30 19.90 -5.13
CA GLY B 66 41.35 18.92 -5.32
C GLY B 66 41.15 17.69 -4.46
N ARG B 67 40.37 17.84 -3.38
CA ARG B 67 40.08 16.73 -2.47
C ARG B 67 38.60 16.38 -2.43
N VAL B 68 37.77 17.20 -3.07
CA VAL B 68 36.33 17.04 -2.96
C VAL B 68 35.67 16.86 -4.33
N THR B 69 34.70 15.96 -4.39
CA THR B 69 33.93 15.74 -5.62
C THR B 69 32.45 15.60 -5.28
N ILE B 70 31.63 16.49 -5.82
CA ILE B 70 30.20 16.45 -5.56
C ILE B 70 29.42 16.08 -6.82
N THR B 71 28.78 14.91 -6.79
CA THR B 71 28.01 14.41 -7.91
C THR B 71 26.52 14.33 -7.57
N ALA B 72 25.71 13.98 -8.56
CA ALA B 72 24.26 13.85 -8.35
C ALA B 72 23.63 12.92 -9.37
N ASP B 73 22.93 11.91 -8.88
CA ASP B 73 22.19 11.00 -9.75
C ASP B 73 20.73 11.44 -9.87
N LYS B 74 20.39 12.01 -11.02
CA LYS B 74 19.06 12.61 -11.21
C LYS B 74 17.95 11.56 -11.32
N SER B 75 18.32 10.34 -11.68
CA SER B 75 17.32 9.29 -11.86
C SER B 75 16.77 8.81 -10.52
N THR B 76 17.50 9.09 -9.45
CA THR B 76 17.07 8.68 -8.11
C THR B 76 17.02 9.86 -7.14
N SER B 77 17.41 11.04 -7.64
CA SER B 77 17.53 12.24 -6.81
C SER B 77 18.41 11.98 -5.60
N THR B 78 19.65 11.58 -5.86
CA THR B 78 20.62 11.32 -4.81
C THR B 78 21.91 12.07 -5.07
N ALA B 79 22.25 12.99 -4.18
CA ALA B 79 23.49 13.74 -4.28
C ALA B 79 24.60 13.03 -3.53
N TYR B 80 25.84 13.28 -3.90
CA TYR B 80 26.97 12.64 -3.27
C TYR B 80 28.08 13.64 -2.97
N MET B 81 28.81 13.39 -1.88
CA MET B 81 29.96 14.22 -1.51
C MET B 81 31.14 13.32 -1.21
N GLU B 82 32.12 13.29 -2.13
CA GLU B 82 33.29 12.47 -1.93
C GLU B 82 34.48 13.30 -1.49
N LEU B 83 35.03 12.97 -0.31
CA LEU B 83 36.18 13.67 0.23
C LEU B 83 37.37 12.72 0.37
N SER B 84 38.45 13.03 -0.32
CA SER B 84 39.62 12.15 -0.33
C SER B 84 40.78 12.75 0.45
N SER B 85 41.82 11.94 0.63
CA SER B 85 43.01 12.33 1.39
C SER B 85 42.61 12.84 2.78
N LEU B 86 41.73 12.08 3.43
CA LEU B 86 41.17 12.47 4.71
C LEU B 86 42.23 12.69 5.79
N ARG B 87 42.13 13.84 6.46
CA ARG B 87 43.00 14.17 7.57
C ARG B 87 42.18 14.18 8.85
N SER B 88 42.85 14.23 10.00
CA SER B 88 42.14 14.19 11.28
C SER B 88 41.26 15.43 11.44
N GLU B 89 41.68 16.53 10.82
CA GLU B 89 40.92 17.78 10.86
C GLU B 89 39.64 17.70 10.02
N ASP B 90 39.43 16.57 9.36
CA ASP B 90 38.20 16.36 8.59
C ASP B 90 37.14 15.65 9.44
N THR B 91 37.51 15.30 10.67
CA THR B 91 36.56 14.70 11.59
C THR B 91 35.48 15.73 11.90
N ALA B 92 34.26 15.45 11.42
CA ALA B 92 33.19 16.42 11.47
C ALA B 92 31.86 15.77 11.11
N VAL B 93 30.78 16.49 11.35
CA VAL B 93 29.48 16.08 10.85
C VAL B 93 29.22 16.76 9.52
N TYR B 94 28.85 15.97 8.52
CA TYR B 94 28.61 16.51 7.18
C TYR B 94 27.12 16.56 6.85
N TYR B 95 26.64 17.75 6.51
CA TYR B 95 25.23 17.95 6.17
C TYR B 95 25.04 18.21 4.68
N CYS B 96 23.93 17.70 4.13
CA CYS B 96 23.44 18.16 2.84
C CYS B 96 22.24 19.06 3.11
N ALA B 97 21.98 19.99 2.20
CA ALA B 97 20.90 20.95 2.38
C ALA B 97 20.40 21.47 1.03
N ARG B 98 19.09 21.71 0.95
CA ARG B 98 18.47 22.21 -0.28
C ARG B 98 18.50 23.73 -0.32
N VAL B 99 18.85 24.30 -1.48
CA VAL B 99 18.78 25.74 -1.67
C VAL B 99 17.34 26.11 -2.03
N GLY B 100 16.53 26.38 -1.01
CA GLY B 100 15.11 26.63 -1.21
C GLY B 100 14.75 28.02 -1.71
N TYR B 101 15.57 29.01 -1.36
CA TYR B 101 15.30 30.39 -1.74
C TYR B 101 16.48 31.02 -2.47
N CYS B 102 16.26 31.44 -3.71
CA CYS B 102 17.30 32.06 -4.52
C CYS B 102 17.78 33.38 -3.91
N SER B 103 19.09 33.62 -3.95
CA SER B 103 19.63 34.91 -3.56
C SER B 103 19.43 35.91 -4.69
N SER B 104 20.00 37.10 -4.56
CA SER B 104 19.82 38.13 -5.57
C SER B 104 20.67 37.89 -6.82
N THR B 105 21.66 37.01 -6.71
CA THR B 105 22.58 36.77 -7.83
C THR B 105 22.37 35.43 -8.55
N SER B 106 21.88 34.42 -7.85
CA SER B 106 21.60 33.13 -8.47
C SER B 106 20.69 32.24 -7.63
N CYS B 107 20.46 31.02 -8.09
CA CYS B 107 19.60 30.06 -7.39
C CYS B 107 20.36 28.85 -6.86
N ASN B 108 21.65 28.75 -7.17
CA ASN B 108 22.49 27.74 -6.55
C ASN B 108 23.18 28.35 -5.33
N ARG B 109 22.97 29.65 -5.15
CA ARG B 109 23.30 30.35 -3.92
C ARG B 109 22.01 30.86 -3.29
N GLY B 110 21.86 30.65 -1.99
CA GLY B 110 20.66 31.04 -1.29
C GLY B 110 20.54 30.33 0.05
N ALA B 111 19.47 30.63 0.78
CA ALA B 111 19.27 30.06 2.11
C ALA B 111 18.92 28.58 2.02
N PHE B 112 19.47 27.80 2.95
CA PHE B 112 19.22 26.37 3.01
C PHE B 112 18.00 26.06 3.88
N ASP B 113 16.88 25.74 3.24
CA ASP B 113 15.62 25.56 3.98
C ASP B 113 15.43 24.13 4.52
N ILE B 114 15.89 23.14 3.77
CA ILE B 114 15.73 21.75 4.20
C ILE B 114 17.10 21.08 4.38
N TRP B 115 17.31 20.48 5.54
CA TRP B 115 18.59 19.87 5.87
C TRP B 115 18.47 18.36 6.07
N GLY B 116 19.54 17.64 5.75
CA GLY B 116 19.63 16.23 6.07
C GLY B 116 19.98 16.04 7.53
N GLN B 117 19.92 14.81 8.02
CA GLN B 117 20.17 14.54 9.43
C GLN B 117 21.65 14.59 9.78
N GLY B 118 22.49 14.70 8.74
CA GLY B 118 23.92 14.78 8.94
C GLY B 118 24.57 13.42 8.95
N THR B 119 25.87 13.40 8.64
CA THR B 119 26.63 12.17 8.66
C THR B 119 27.93 12.41 9.40
N MET B 120 28.14 11.64 10.47
CA MET B 120 29.37 11.75 11.25
C MET B 120 30.50 11.03 10.54
N VAL B 121 31.61 11.72 10.35
CA VAL B 121 32.80 11.11 9.76
C VAL B 121 33.99 11.32 10.68
N THR B 122 34.61 10.22 11.09
CA THR B 122 35.75 10.28 12.00
C THR B 122 37.02 9.78 11.32
N VAL B 123 38.04 10.64 11.30
CA VAL B 123 39.31 10.28 10.68
C VAL B 123 40.40 10.18 11.74
N SER B 124 40.90 8.96 11.94
CA SER B 124 41.87 8.70 12.99
C SER B 124 42.67 7.44 12.69
N SER B 125 43.87 7.37 13.25
CA SER B 125 44.70 6.19 13.08
C SER B 125 44.26 5.07 14.02
N ALA B 126 43.38 5.42 14.96
CA ALA B 126 42.86 4.44 15.91
C ALA B 126 41.91 3.47 15.23
N SER B 127 41.81 2.26 15.78
CA SER B 127 40.89 1.26 15.26
C SER B 127 39.69 1.12 16.18
N THR B 128 38.57 0.66 15.62
CA THR B 128 37.33 0.51 16.38
C THR B 128 37.53 -0.42 17.57
N LYS B 129 37.09 0.04 18.74
CA LYS B 129 37.26 -0.72 19.97
C LYS B 129 36.09 -0.49 20.94
N GLY B 130 35.57 -1.59 21.49
CA GLY B 130 34.48 -1.50 22.46
C GLY B 130 34.97 -0.96 23.80
N PRO B 131 34.05 -0.36 24.56
CA PRO B 131 34.38 0.28 25.85
C PRO B 131 34.50 -0.69 27.03
N SER B 132 35.36 -0.33 27.97
CA SER B 132 35.40 -0.99 29.27
C SER B 132 34.55 -0.19 30.24
N VAL B 133 33.50 -0.81 30.77
CA VAL B 133 32.58 -0.10 31.64
C VAL B 133 32.86 -0.36 33.11
N PHE B 134 33.26 0.68 33.84
CA PHE B 134 33.56 0.56 35.26
C PHE B 134 32.54 1.35 36.07
N PRO B 135 32.15 0.80 37.24
CA PRO B 135 31.16 1.46 38.09
C PRO B 135 31.74 2.61 38.90
N LEU B 136 30.93 3.65 39.10
CA LEU B 136 31.26 4.71 40.04
C LEU B 136 30.42 4.52 41.29
N ALA B 137 30.95 3.78 42.26
CA ALA B 137 30.21 3.40 43.45
C ALA B 137 29.85 4.60 44.32
N PRO B 138 28.61 4.61 44.83
CA PRO B 138 28.16 5.62 45.80
C PRO B 138 28.73 5.36 47.19
N SER B 139 29.02 6.43 47.92
CA SER B 139 29.54 6.32 49.28
C SER B 139 29.28 7.61 50.05
N SER B 140 29.90 7.72 51.22
CA SER B 140 29.83 8.94 52.02
C SER B 140 30.54 10.09 51.30
N LYS B 141 31.51 9.74 50.47
CA LYS B 141 32.25 10.74 49.70
C LYS B 141 31.51 11.11 48.42
N SER B 142 30.29 10.61 48.29
CA SER B 142 29.43 10.95 47.15
C SER B 142 28.00 11.23 47.62
N THR B 143 27.84 11.33 48.93
CA THR B 143 26.53 11.63 49.52
C THR B 143 26.53 13.01 50.17
N SER B 144 25.46 13.77 49.95
CA SER B 144 25.32 15.09 50.55
C SER B 144 23.89 15.34 51.05
N GLY B 145 23.61 14.85 52.26
CA GLY B 145 22.33 15.10 52.89
C GLY B 145 21.13 14.53 52.16
N GLY B 146 21.01 13.20 52.16
CA GLY B 146 19.84 12.55 51.59
C GLY B 146 19.97 12.17 50.12
N THR B 147 20.88 12.83 49.41
CA THR B 147 21.10 12.52 48.00
C THR B 147 22.49 11.94 47.77
N ALA B 148 22.55 10.80 47.08
CA ALA B 148 23.82 10.16 46.79
C ALA B 148 24.12 10.15 45.30
N ALA B 149 25.39 10.28 44.95
CA ALA B 149 25.82 10.25 43.57
C ALA B 149 26.41 8.89 43.22
N LEU B 150 26.11 8.42 42.01
CA LEU B 150 26.67 7.18 41.50
C LEU B 150 26.68 7.24 39.98
N GLY B 151 27.43 6.35 39.35
CA GLY B 151 27.50 6.36 37.91
C GLY B 151 28.30 5.25 37.26
N CYS B 152 28.58 5.45 35.97
CA CYS B 152 29.36 4.51 35.17
C CYS B 152 30.51 5.24 34.48
N LEU B 153 31.65 4.57 34.39
CA LEU B 153 32.79 5.11 33.65
C LEU B 153 33.00 4.32 32.37
N VAL B 154 32.70 4.96 31.24
CA VAL B 154 32.85 4.35 29.93
C VAL B 154 34.20 4.74 29.31
N LYS B 155 35.19 3.86 29.47
CA LYS B 155 36.56 4.21 29.14
C LYS B 155 37.14 3.49 27.92
N ASP B 156 37.97 4.21 27.17
CA ASP B 156 38.79 3.64 26.10
C ASP B 156 37.99 2.97 24.98
N TYR B 157 37.16 3.75 24.29
CA TYR B 157 36.42 3.24 23.14
C TYR B 157 36.64 4.09 21.90
N PHE B 158 36.32 3.52 20.74
CA PHE B 158 36.46 4.23 19.47
C PHE B 158 35.58 3.57 18.40
N PRO B 159 34.88 4.39 17.60
CA PRO B 159 34.80 5.84 17.73
C PRO B 159 33.54 6.29 18.47
N GLU B 160 33.23 7.57 18.37
CA GLU B 160 31.96 8.11 18.87
C GLU B 160 30.81 7.52 18.03
N PRO B 161 29.60 7.49 18.59
CA PRO B 161 29.28 7.84 19.99
C PRO B 161 28.94 6.60 20.80
N VAL B 162 28.73 6.81 22.11
CA VAL B 162 28.12 5.79 22.93
C VAL B 162 26.87 6.37 23.58
N THR B 163 25.85 5.55 23.72
CA THR B 163 24.65 5.95 24.44
C THR B 163 24.54 5.14 25.73
N VAL B 164 24.18 5.81 26.82
CA VAL B 164 24.02 5.14 28.09
C VAL B 164 22.69 5.50 28.73
N SER B 165 21.93 4.47 29.11
CA SER B 165 20.68 4.66 29.84
C SER B 165 20.83 4.01 31.21
N TRP B 166 19.84 4.24 32.07
CA TRP B 166 19.82 3.66 33.41
C TRP B 166 18.51 2.90 33.64
N ASN B 167 18.63 1.68 34.15
CA ASN B 167 17.49 0.80 34.38
C ASN B 167 16.63 0.64 33.12
N SER B 168 17.31 0.56 31.98
CA SER B 168 16.66 0.34 30.68
C SER B 168 15.63 1.42 30.36
N GLY B 169 15.95 2.66 30.73
CA GLY B 169 15.08 3.78 30.42
C GLY B 169 14.16 4.19 31.55
N ALA B 170 13.99 3.33 32.55
CA ALA B 170 13.11 3.63 33.67
C ALA B 170 13.62 4.78 34.50
N LEU B 171 14.94 4.82 34.71
CA LEU B 171 15.55 5.87 35.53
C LEU B 171 16.12 6.98 34.66
N THR B 172 15.44 8.14 34.66
CA THR B 172 15.84 9.27 33.85
C THR B 172 16.13 10.52 34.68
N SER B 173 15.50 10.61 35.86
CA SER B 173 15.64 11.78 36.72
C SER B 173 17.07 11.90 37.27
N GLY B 174 17.58 13.13 37.28
CA GLY B 174 18.87 13.42 37.88
C GLY B 174 20.05 12.79 37.15
N VAL B 175 19.84 12.41 35.90
CA VAL B 175 20.87 11.75 35.11
C VAL B 175 21.71 12.76 34.31
N HIS B 176 23.02 12.68 34.47
CA HIS B 176 23.93 13.48 33.65
C HIS B 176 24.93 12.58 32.93
N THR B 177 24.82 12.52 31.61
CA THR B 177 25.82 11.85 30.79
C THR B 177 26.68 12.89 30.10
N PHE B 178 27.97 12.90 30.44
CA PHE B 178 28.87 13.95 29.97
C PHE B 178 29.37 13.70 28.55
N PRO B 179 29.71 14.78 27.83
CA PRO B 179 30.33 14.61 26.52
C PRO B 179 31.65 13.86 26.63
N ALA B 180 31.93 13.01 25.65
CA ALA B 180 33.16 12.22 25.67
C ALA B 180 34.39 13.10 25.50
N VAL B 181 35.49 12.66 26.09
CA VAL B 181 36.76 13.35 25.94
C VAL B 181 37.72 12.46 25.15
N LEU B 182 38.53 13.08 24.30
CA LEU B 182 39.48 12.33 23.48
C LEU B 182 40.82 12.24 24.19
N GLN B 183 41.20 11.03 24.58
CA GLN B 183 42.47 10.80 25.27
C GLN B 183 43.64 10.85 24.31
N SER B 184 44.85 10.91 24.85
CA SER B 184 46.05 11.03 24.04
C SER B 184 46.33 9.74 23.27
N SER B 185 45.66 8.66 23.64
CA SER B 185 45.81 7.37 22.98
C SER B 185 44.96 7.30 21.72
N GLY B 186 44.11 8.29 21.51
CA GLY B 186 43.22 8.31 20.36
C GLY B 186 41.87 7.68 20.68
N LEU B 187 41.72 7.21 21.91
CA LEU B 187 40.47 6.58 22.34
C LEU B 187 39.61 7.58 23.12
N TYR B 188 38.30 7.44 22.97
CA TYR B 188 37.35 8.30 23.68
C TYR B 188 37.04 7.72 25.06
N SER B 189 36.44 8.55 25.91
CA SER B 189 36.06 8.13 27.26
C SER B 189 35.05 9.10 27.85
N LEU B 190 33.98 8.58 28.45
CA LEU B 190 33.03 9.46 29.14
C LEU B 190 32.49 8.85 30.42
N SER B 191 31.84 9.69 31.22
CA SER B 191 31.18 9.24 32.43
C SER B 191 29.69 9.55 32.36
N SER B 192 28.91 8.79 33.12
CA SER B 192 27.47 9.02 33.22
C SER B 192 27.04 8.84 34.67
N VAL B 193 26.59 9.92 35.29
CA VAL B 193 26.22 9.87 36.71
C VAL B 193 24.74 10.15 36.92
N VAL B 194 24.23 9.77 38.09
CA VAL B 194 22.85 10.03 38.46
C VAL B 194 22.73 10.21 39.97
N THR B 195 22.07 11.29 40.40
CA THR B 195 21.81 11.52 41.80
C THR B 195 20.50 10.86 42.23
N VAL B 196 20.59 10.03 43.26
CA VAL B 196 19.42 9.29 43.77
C VAL B 196 19.29 9.51 45.28
N PRO B 197 18.09 9.25 45.83
CA PRO B 197 17.95 9.29 47.29
C PRO B 197 18.91 8.33 47.99
N SER B 198 19.53 8.81 49.06
CA SER B 198 20.56 8.04 49.76
C SER B 198 19.99 6.85 50.53
N SER B 199 18.67 6.82 50.69
CA SER B 199 18.02 5.74 51.43
C SER B 199 17.73 4.53 50.55
N SER B 200 17.88 4.69 49.25
CA SER B 200 17.56 3.62 48.31
C SER B 200 18.78 2.76 47.98
N LEU B 201 19.92 3.09 48.58
CA LEU B 201 21.16 2.39 48.28
C LEU B 201 21.18 0.99 48.87
N GLY B 202 20.22 0.69 49.75
CA GLY B 202 20.15 -0.61 50.39
C GLY B 202 19.15 -1.54 49.75
N THR B 203 18.34 -1.02 48.82
CA THR B 203 17.30 -1.81 48.19
C THR B 203 17.32 -1.71 46.67
N GLN B 204 17.33 -0.49 46.15
CA GLN B 204 17.20 -0.25 44.72
C GLN B 204 18.44 -0.66 43.93
N THR B 205 18.22 -1.38 42.84
CA THR B 205 19.30 -1.79 41.94
C THR B 205 19.50 -0.74 40.84
N TYR B 206 20.74 -0.33 40.64
CA TYR B 206 21.07 0.62 39.58
C TYR B 206 22.00 -0.01 38.56
N ILE B 207 21.54 -0.11 37.32
CA ILE B 207 22.34 -0.71 36.26
C ILE B 207 22.66 0.30 35.15
N CYS B 208 23.92 0.30 34.74
CA CYS B 208 24.41 1.12 33.63
C CYS B 208 24.18 0.40 32.31
N ASN B 209 23.44 1.01 31.39
CA ASN B 209 23.23 0.39 30.08
C ASN B 209 24.02 1.07 28.97
N VAL B 210 25.24 0.60 28.75
CA VAL B 210 26.13 1.25 27.78
C VAL B 210 26.04 0.61 26.40
N ASN B 211 25.76 1.43 25.40
CA ASN B 211 25.66 0.97 24.02
C ASN B 211 26.74 1.58 23.15
N HIS B 212 27.45 0.74 22.39
CA HIS B 212 28.42 1.22 21.42
C HIS B 212 28.19 0.53 20.07
N LYS B 213 27.31 1.13 19.28
CA LYS B 213 26.94 0.62 17.96
C LYS B 213 28.12 0.32 17.02
N PRO B 214 29.12 1.22 16.92
CA PRO B 214 30.18 0.95 15.94
C PRO B 214 30.94 -0.36 16.19
N SER B 215 31.01 -0.80 17.44
CA SER B 215 31.74 -2.02 17.78
C SER B 215 30.80 -3.19 18.08
N ASN B 216 29.50 -2.97 17.89
CA ASN B 216 28.48 -3.97 18.19
C ASN B 216 28.57 -4.42 19.65
N THR B 217 28.80 -3.47 20.55
CA THR B 217 29.02 -3.77 21.95
C THR B 217 27.90 -3.26 22.85
N LYS B 218 27.36 -4.14 23.68
CA LYS B 218 26.43 -3.75 24.73
C LYS B 218 26.90 -4.28 26.08
N VAL B 219 27.02 -3.37 27.05
CA VAL B 219 27.45 -3.75 28.40
C VAL B 219 26.48 -3.24 29.45
N ASP B 220 26.08 -4.14 30.35
CA ASP B 220 25.27 -3.75 31.50
C ASP B 220 26.08 -3.90 32.78
N LYS B 221 26.24 -2.79 33.49
CA LYS B 221 27.03 -2.79 34.72
C LYS B 221 26.21 -2.35 35.91
N LYS B 222 26.05 -3.27 36.87
CA LYS B 222 25.35 -2.97 38.10
C LYS B 222 26.24 -2.18 39.05
N VAL B 223 25.76 -1.02 39.49
CA VAL B 223 26.51 -0.18 40.40
C VAL B 223 26.05 -0.38 41.85
N GLU B 224 26.95 -0.90 42.67
CA GLU B 224 26.66 -1.14 44.08
C GLU B 224 27.58 -0.28 44.96
N PRO B 225 27.07 0.13 46.13
CA PRO B 225 27.88 0.92 47.06
C PRO B 225 29.10 0.16 47.57
N LYS B 226 30.20 0.86 47.83
CA LYS B 226 31.44 0.23 48.26
C LYS B 226 31.72 0.47 49.74
N SER B 227 32.02 -0.61 50.46
CA SER B 227 32.36 -0.51 51.88
C SER B 227 33.19 -1.71 52.31
N ASP C 1 37.23 37.23 -0.45
CA ASP C 1 36.15 36.50 0.23
C ASP C 1 35.41 37.36 1.24
N ILE C 2 34.09 37.26 1.22
CA ILE C 2 33.24 38.01 2.14
C ILE C 2 33.37 37.48 3.56
N GLN C 3 33.81 38.35 4.47
CA GLN C 3 33.98 37.99 5.86
C GLN C 3 32.79 38.45 6.71
N LEU C 4 32.27 37.56 7.54
CA LEU C 4 31.13 37.87 8.39
C LEU C 4 31.52 37.88 9.87
N THR C 5 31.38 39.04 10.50
CA THR C 5 31.66 39.17 11.92
C THR C 5 30.36 39.18 12.73
N GLN C 6 30.13 38.08 13.44
CA GLN C 6 28.92 37.92 14.25
C GLN C 6 29.21 38.26 15.70
N SER C 7 28.46 39.21 16.25
CA SER C 7 28.63 39.62 17.63
C SER C 7 27.28 39.77 18.34
N PRO C 8 27.22 39.45 19.65
CA PRO C 8 28.35 38.94 20.44
C PRO C 8 28.58 37.43 20.24
N SER C 9 29.70 36.93 20.75
CA SER C 9 30.04 35.53 20.63
C SER C 9 29.12 34.67 21.50
N SER C 10 28.73 35.21 22.65
CA SER C 10 27.79 34.55 23.53
C SER C 10 27.09 35.56 24.41
N LEU C 11 25.88 35.23 24.86
CA LEU C 11 25.17 36.09 25.80
C LEU C 11 24.29 35.27 26.73
N SER C 12 24.16 35.75 27.98
CA SER C 12 23.23 35.17 28.94
C SER C 12 21.97 36.01 29.03
N ALA C 13 20.82 35.36 29.05
CA ALA C 13 19.55 36.07 29.07
C ALA C 13 18.46 35.26 29.77
N SER C 14 17.46 35.96 30.31
CA SER C 14 16.33 35.32 30.96
C SER C 14 15.18 35.16 29.98
N VAL C 15 14.24 34.28 30.32
CA VAL C 15 13.03 34.12 29.52
C VAL C 15 12.21 35.41 29.51
N GLY C 16 11.96 35.93 28.31
CA GLY C 16 11.09 37.09 28.17
C GLY C 16 11.74 38.41 27.79
N ASP C 17 13.07 38.48 27.82
CA ASP C 17 13.73 39.76 27.54
C ASP C 17 14.22 39.86 26.10
N ARG C 18 14.65 41.07 25.73
CA ARG C 18 15.07 41.37 24.36
C ARG C 18 16.51 40.97 24.10
N VAL C 19 16.74 40.27 22.98
CA VAL C 19 18.07 39.83 22.61
C VAL C 19 18.43 40.26 21.19
N THR C 20 19.59 40.90 21.04
CA THR C 20 20.03 41.42 19.75
C THR C 20 21.38 40.83 19.32
N ILE C 21 21.40 40.23 18.14
CA ILE C 21 22.63 39.69 17.55
C ILE C 21 22.94 40.39 16.24
N THR C 22 24.16 40.90 16.11
CA THR C 22 24.54 41.62 14.91
C THR C 22 25.49 40.84 14.02
N CYS C 23 25.30 40.97 12.71
CA CYS C 23 26.21 40.37 11.74
C CYS C 23 26.69 41.45 10.77
N ARG C 24 28.00 41.53 10.56
CA ARG C 24 28.56 42.55 9.68
C ARG C 24 29.46 41.94 8.60
N ALA C 25 29.16 42.28 7.36
CA ALA C 25 29.91 41.75 6.22
C ALA C 25 31.07 42.67 5.86
N SER C 26 32.13 42.08 5.34
CA SER C 26 33.32 42.84 4.95
C SER C 26 33.05 43.69 3.72
N GLN C 27 31.94 43.40 3.04
CA GLN C 27 31.52 44.20 1.89
C GLN C 27 30.02 44.08 1.67
N GLY C 28 29.47 44.98 0.86
CA GLY C 28 28.04 45.02 0.61
C GLY C 28 27.50 43.73 0.03
N ILE C 29 26.39 43.26 0.61
CA ILE C 29 25.76 42.02 0.14
C ILE C 29 24.26 42.20 -0.02
N ARG C 30 23.84 43.46 -0.15
CA ARG C 30 22.43 43.79 -0.36
C ARG C 30 21.56 43.21 0.75
N ASN C 31 20.65 42.31 0.40
CA ASN C 31 19.83 41.62 1.39
C ASN C 31 20.06 40.12 1.38
N ASP C 32 21.23 39.69 0.91
CA ASP C 32 21.53 38.28 0.77
C ASP C 32 22.11 37.71 2.07
N LEU C 33 21.32 37.76 3.14
CA LEU C 33 21.75 37.20 4.42
C LEU C 33 20.72 36.23 4.98
N GLY C 34 21.20 35.15 5.57
CA GLY C 34 20.33 34.17 6.21
C GLY C 34 20.68 33.99 7.67
N TRP C 35 19.66 33.69 8.48
CA TRP C 35 19.87 33.40 9.90
C TRP C 35 19.45 31.97 10.21
N TYR C 36 20.29 31.27 10.98
CA TYR C 36 20.01 29.89 11.36
C TYR C 36 20.04 29.68 12.86
N GLN C 37 19.31 28.67 13.31
CA GLN C 37 19.32 28.25 14.70
C GLN C 37 19.77 26.81 14.78
N GLN C 38 20.60 26.48 15.77
CA GLN C 38 21.06 25.10 15.92
C GLN C 38 21.11 24.66 17.38
N LYS C 39 20.44 23.55 17.66
CA LYS C 39 20.47 22.92 18.98
C LYS C 39 21.57 21.85 18.99
N PRO C 40 22.15 21.60 20.17
CA PRO C 40 23.19 20.57 20.30
C PRO C 40 22.74 19.20 19.79
N GLY C 41 23.51 18.64 18.86
CA GLY C 41 23.23 17.31 18.34
C GLY C 41 22.18 17.28 17.23
N LYS C 42 21.80 18.45 16.72
CA LYS C 42 20.84 18.50 15.63
C LYS C 42 21.31 19.37 14.47
N ALA C 43 20.66 19.20 13.32
CA ALA C 43 20.98 19.99 12.14
C ALA C 43 20.49 21.42 12.30
N PRO C 44 21.21 22.38 11.70
CA PRO C 44 20.78 23.78 11.71
C PRO C 44 19.38 23.95 11.13
N LYS C 45 18.70 25.02 11.52
CA LYS C 45 17.35 25.30 11.05
C LYS C 45 17.27 26.71 10.49
N LEU C 46 16.67 26.85 9.31
CA LEU C 46 16.51 28.17 8.69
C LEU C 46 15.45 28.99 9.43
N LEU C 47 15.83 30.17 9.89
CA LEU C 47 14.91 31.07 10.57
C LEU C 47 14.45 32.17 9.63
N ILE C 48 15.42 32.83 9.00
CA ILE C 48 15.17 34.01 8.19
C ILE C 48 16.05 34.02 6.93
N TYR C 49 15.42 34.22 5.78
CA TYR C 49 16.16 34.40 4.53
C TYR C 49 15.91 35.81 4.01
N ALA C 50 16.73 36.23 3.04
CA ALA C 50 16.62 37.56 2.44
C ALA C 50 16.62 38.66 3.50
N ALA C 51 17.46 38.47 4.52
CA ALA C 51 17.69 39.43 5.61
C ALA C 51 16.49 39.61 6.56
N SER C 52 15.27 39.64 6.03
CA SER C 52 14.11 39.95 6.87
C SER C 52 12.95 38.97 6.73
N SER C 53 12.97 38.15 5.69
CA SER C 53 11.84 37.25 5.43
C SER C 53 11.85 36.07 6.38
N LEU C 54 10.76 35.90 7.12
CA LEU C 54 10.64 34.80 8.08
C LEU C 54 10.31 33.50 7.34
N GLN C 55 11.01 32.43 7.71
CA GLN C 55 10.72 31.11 7.18
C GLN C 55 9.36 30.62 7.70
N SER C 56 8.63 29.93 6.84
CA SER C 56 7.30 29.40 7.17
C SER C 56 7.34 28.55 8.43
N GLY C 57 6.55 28.94 9.44
CA GLY C 57 6.49 28.20 10.69
C GLY C 57 7.24 28.82 11.84
N VAL C 58 8.31 29.55 11.52
CA VAL C 58 9.13 30.21 12.54
C VAL C 58 8.35 31.34 13.21
N PRO C 59 8.30 31.33 14.56
CA PRO C 59 7.54 32.32 15.33
C PRO C 59 7.89 33.77 14.98
N SER C 60 6.92 34.67 15.10
CA SER C 60 7.12 36.06 14.71
C SER C 60 7.96 36.84 15.71
N ARG C 61 8.43 36.17 16.76
CA ARG C 61 9.23 36.82 17.78
C ARG C 61 10.66 37.02 17.25
N PHE C 62 11.00 36.27 16.20
CA PHE C 62 12.28 36.45 15.49
C PHE C 62 12.16 37.51 14.41
N SER C 63 13.05 38.49 14.44
CA SER C 63 13.00 39.61 13.50
C SER C 63 14.39 39.95 12.95
N GLY C 64 14.54 39.86 11.65
CA GLY C 64 15.80 40.22 11.00
C GLY C 64 15.65 41.55 10.27
N SER C 65 16.68 42.38 10.35
CA SER C 65 16.70 43.63 9.60
C SER C 65 18.10 43.95 9.09
N GLY C 66 18.22 45.03 8.33
CA GLY C 66 19.50 45.46 7.83
C GLY C 66 19.65 45.29 6.34
N SER C 67 20.55 46.06 5.74
CA SER C 67 20.77 46.02 4.31
C SER C 67 22.15 46.54 3.94
N GLY C 68 22.92 45.74 3.22
CA GLY C 68 24.24 46.15 2.77
C GLY C 68 25.36 45.47 3.56
N THR C 69 25.70 46.04 4.70
CA THR C 69 26.81 45.55 5.52
C THR C 69 26.34 45.11 6.91
N ASP C 70 25.55 45.97 7.56
CA ASP C 70 25.13 45.74 8.93
C ASP C 70 23.78 45.04 9.00
N PHE C 71 23.76 43.87 9.61
CA PHE C 71 22.52 43.13 9.79
C PHE C 71 22.32 42.74 11.24
N THR C 72 21.06 42.57 11.63
CA THR C 72 20.72 42.32 13.02
C THR C 72 19.61 41.28 13.13
N LEU C 73 19.81 40.30 14.02
CA LEU C 73 18.76 39.36 14.37
C LEU C 73 18.23 39.71 15.75
N THR C 74 16.97 40.13 15.80
CA THR C 74 16.35 40.52 17.05
C THR C 74 15.33 39.49 17.50
N ILE C 75 15.46 39.02 18.74
CA ILE C 75 14.47 38.13 19.33
C ILE C 75 13.77 38.86 20.46
N SER C 76 12.48 39.14 20.26
CA SER C 76 11.78 40.12 21.10
C SER C 76 11.49 39.64 22.52
N SER C 77 11.02 38.41 22.69
CA SER C 77 10.75 37.90 24.04
C SER C 77 11.10 36.43 24.14
N LEU C 78 12.31 36.16 24.63
CA LEU C 78 12.89 34.82 24.63
C LEU C 78 12.02 33.75 25.24
N GLN C 79 11.85 32.65 24.51
CA GLN C 79 11.15 31.50 25.03
C GLN C 79 12.17 30.41 25.33
N PRO C 80 11.83 29.46 26.22
CA PRO C 80 12.70 28.34 26.57
C PRO C 80 13.35 27.68 25.36
N GLU C 81 12.60 27.53 24.27
CA GLU C 81 13.06 26.84 23.09
C GLU C 81 13.99 27.69 22.23
N ASP C 82 14.12 28.98 22.55
CA ASP C 82 14.96 29.89 21.77
C ASP C 82 16.43 29.85 22.21
N PHE C 83 16.70 29.18 23.32
CA PHE C 83 18.07 29.11 23.83
C PHE C 83 18.87 28.10 23.03
N ALA C 84 19.72 28.63 22.14
CA ALA C 84 20.54 27.79 21.28
C ALA C 84 21.68 28.62 20.68
N THR C 85 22.34 28.07 19.67
CA THR C 85 23.34 28.81 18.94
C THR C 85 22.73 29.36 17.65
N TYR C 86 23.04 30.62 17.34
CA TYR C 86 22.54 31.24 16.12
C TYR C 86 23.68 31.59 15.17
N TYR C 87 23.46 31.31 13.89
CA TYR C 87 24.49 31.54 12.87
C TYR C 87 24.04 32.52 11.78
N CYS C 88 24.96 33.42 11.44
CA CYS C 88 24.84 34.30 10.29
C CYS C 88 25.30 33.57 9.03
N GLN C 89 24.77 33.93 7.87
CA GLN C 89 25.27 33.41 6.60
C GLN C 89 24.98 34.35 5.44
N GLN C 90 26.01 34.65 4.65
CA GLN C 90 25.85 35.48 3.46
C GLN C 90 25.57 34.61 2.23
N LEU C 91 24.67 35.08 1.38
CA LEU C 91 24.18 34.30 0.24
C LEU C 91 24.63 34.93 -1.08
N ASN C 92 25.44 35.97 -0.97
CA ASN C 92 25.78 36.82 -2.11
C ASN C 92 26.79 36.19 -3.08
N SER C 93 27.96 35.81 -2.56
CA SER C 93 29.04 35.31 -3.41
C SER C 93 29.73 34.08 -2.84
N TYR C 94 30.46 33.37 -3.69
CA TYR C 94 31.30 32.26 -3.26
C TYR C 94 32.57 32.75 -2.58
N PRO C 95 33.02 32.04 -1.54
CA PRO C 95 32.32 30.89 -0.95
C PRO C 95 31.22 31.34 0.00
N LEU C 96 30.19 30.52 0.15
CA LEU C 96 29.11 30.83 1.09
C LEU C 96 29.66 30.84 2.51
N THR C 97 29.76 32.03 3.08
CA THR C 97 30.42 32.19 4.38
C THR C 97 29.41 32.31 5.52
N PHE C 98 29.66 31.56 6.60
CA PHE C 98 28.86 31.64 7.81
C PHE C 98 29.53 32.54 8.85
N GLY C 99 28.73 33.13 9.73
CA GLY C 99 29.28 33.89 10.84
C GLY C 99 29.81 32.96 11.90
N GLY C 100 30.52 33.52 12.88
CA GLY C 100 31.14 32.74 13.94
C GLY C 100 30.15 32.05 14.86
N GLY C 101 28.94 32.60 14.96
CA GLY C 101 27.91 32.01 15.79
C GLY C 101 27.72 32.74 17.10
N THR C 102 26.51 32.67 17.63
CA THR C 102 26.21 33.28 18.91
C THR C 102 25.52 32.29 19.82
N LYS C 103 26.14 32.00 20.95
CA LYS C 103 25.60 31.08 21.92
C LYS C 103 24.72 31.83 22.92
N VAL C 104 23.43 31.51 22.92
CA VAL C 104 22.49 32.12 23.86
C VAL C 104 22.17 31.16 24.99
N GLU C 105 22.73 31.43 26.17
CA GLU C 105 22.46 30.61 27.35
C GLU C 105 21.41 31.25 28.25
N ILE C 106 20.95 30.49 29.24
CA ILE C 106 19.96 30.97 30.20
C ILE C 106 20.62 31.63 31.40
N LYS C 107 20.20 32.85 31.72
CA LYS C 107 20.71 33.55 32.89
C LYS C 107 19.94 33.16 34.15
N ARG C 108 20.65 32.60 35.14
CA ARG C 108 20.06 32.30 36.44
C ARG C 108 20.96 32.78 37.57
N THR C 109 20.58 32.48 38.81
CA THR C 109 21.34 32.88 39.99
C THR C 109 22.58 32.00 40.19
N VAL C 110 23.58 32.55 40.86
CA VAL C 110 24.83 31.84 41.13
C VAL C 110 24.61 30.62 42.02
N ALA C 111 24.86 29.45 41.48
CA ALA C 111 24.65 28.20 42.23
C ALA C 111 25.96 27.47 42.49
N ALA C 112 26.23 27.18 43.75
CA ALA C 112 27.43 26.45 44.14
C ALA C 112 27.35 24.99 43.69
N PRO C 113 28.49 24.40 43.31
CA PRO C 113 28.53 23.00 42.89
C PRO C 113 28.51 22.02 44.06
N SER C 114 27.79 20.92 43.90
CA SER C 114 27.91 19.79 44.82
C SER C 114 29.08 18.95 44.35
N VAL C 115 30.15 18.91 45.15
CA VAL C 115 31.37 18.22 44.75
C VAL C 115 31.47 16.83 45.35
N PHE C 116 31.51 15.82 44.49
CA PHE C 116 31.68 14.43 44.90
C PHE C 116 32.91 13.82 44.25
N ILE C 117 33.45 12.77 44.86
CA ILE C 117 34.63 12.11 44.32
C ILE C 117 34.43 10.60 44.32
N PHE C 118 34.95 9.93 43.29
CA PHE C 118 34.81 8.49 43.15
C PHE C 118 36.17 7.81 43.00
N PRO C 119 36.51 6.93 43.95
CA PRO C 119 37.73 6.12 43.84
C PRO C 119 37.60 5.12 42.70
N PRO C 120 38.74 4.65 42.16
CA PRO C 120 38.69 3.68 41.06
C PRO C 120 38.09 2.36 41.50
N SER C 121 37.27 1.76 40.65
CA SER C 121 36.66 0.47 40.94
C SER C 121 37.73 -0.62 41.02
N ASP C 122 37.45 -1.67 41.78
CA ASP C 122 38.36 -2.81 41.86
C ASP C 122 38.46 -3.51 40.51
N GLU C 123 37.39 -3.41 39.72
CA GLU C 123 37.35 -4.01 38.38
C GLU C 123 38.42 -3.38 37.48
N GLN C 124 38.59 -2.06 37.60
CA GLN C 124 39.57 -1.35 36.80
C GLN C 124 40.98 -1.54 37.36
N LEU C 125 41.10 -1.55 38.68
CA LEU C 125 42.40 -1.68 39.33
C LEU C 125 43.10 -2.96 38.92
N LYS C 126 42.33 -4.02 38.69
CA LYS C 126 42.91 -5.31 38.33
C LYS C 126 43.18 -5.40 36.84
N SER C 127 42.86 -4.33 36.11
CA SER C 127 43.18 -4.25 34.69
C SER C 127 44.51 -3.53 34.49
N GLY C 128 45.03 -2.93 35.56
CA GLY C 128 46.31 -2.24 35.53
C GLY C 128 46.22 -0.74 35.57
N THR C 129 44.99 -0.20 35.51
CA THR C 129 44.79 1.24 35.46
C THR C 129 43.91 1.73 36.61
N ALA C 130 44.13 2.97 37.03
CA ALA C 130 43.33 3.57 38.09
C ALA C 130 42.77 4.93 37.66
N SER C 131 41.44 5.05 37.69
CA SER C 131 40.80 6.30 37.32
C SER C 131 39.98 6.85 38.49
N VAL C 132 40.30 8.06 38.90
CA VAL C 132 39.54 8.74 39.94
C VAL C 132 38.69 9.84 39.32
N VAL C 133 37.40 9.83 39.62
CA VAL C 133 36.47 10.79 39.03
C VAL C 133 35.98 11.80 40.06
N CYS C 134 36.07 13.08 39.70
CA CYS C 134 35.58 14.17 40.53
C CYS C 134 34.37 14.80 39.85
N LEU C 135 33.24 14.88 40.56
CA LEU C 135 32.00 15.40 39.97
C LEU C 135 31.57 16.73 40.59
N LEU C 136 31.41 17.74 39.73
CA LEU C 136 30.86 19.02 40.12
C LEU C 136 29.43 19.09 39.58
N ASN C 137 28.46 18.97 40.47
CA ASN C 137 27.08 18.80 40.04
C ASN C 137 26.21 20.06 40.20
N ASN C 138 25.55 20.44 39.11
CA ASN C 138 24.53 21.49 39.10
C ASN C 138 24.99 22.84 39.66
N PHE C 139 25.87 23.50 38.92
CA PHE C 139 26.38 24.80 39.32
C PHE C 139 26.15 25.86 38.24
N TYR C 140 26.28 27.12 38.63
CA TYR C 140 26.17 28.24 37.71
C TYR C 140 26.92 29.44 38.28
N PRO C 141 27.70 30.15 37.43
CA PRO C 141 27.89 29.92 35.99
C PRO C 141 28.79 28.75 35.69
N ARG C 142 29.07 28.49 34.40
CA ARG C 142 29.80 27.28 34.04
C ARG C 142 31.30 27.40 34.26
N GLU C 143 31.80 28.62 34.38
CA GLU C 143 33.22 28.82 34.65
C GLU C 143 33.60 28.21 36.01
N ALA C 144 34.52 27.25 35.98
CA ALA C 144 34.94 26.55 37.17
C ALA C 144 36.34 25.97 37.00
N LYS C 145 37.11 25.92 38.09
CA LYS C 145 38.44 25.35 38.05
C LYS C 145 38.55 24.11 38.92
N VAL C 146 39.05 23.03 38.33
CA VAL C 146 39.30 21.80 39.07
C VAL C 146 40.79 21.46 39.03
N GLN C 147 41.35 21.14 40.19
CA GLN C 147 42.75 20.76 40.27
C GLN C 147 42.94 19.53 41.13
N TRP C 148 43.67 18.56 40.60
CA TRP C 148 43.97 17.33 41.32
C TRP C 148 45.25 17.45 42.13
N LYS C 149 45.21 16.93 43.35
CA LYS C 149 46.39 16.92 44.20
C LYS C 149 46.61 15.51 44.78
N VAL C 150 47.73 14.90 44.41
CA VAL C 150 48.10 13.59 44.94
C VAL C 150 49.18 13.76 45.99
N ASP C 151 48.86 13.40 47.23
CA ASP C 151 49.73 13.65 48.38
C ASP C 151 50.05 15.14 48.48
N ASN C 152 49.01 15.96 48.31
CA ASN C 152 49.12 17.42 48.33
C ASN C 152 50.05 17.97 47.25
N ALA C 153 50.39 17.15 46.27
CA ALA C 153 51.20 17.58 45.15
C ALA C 153 50.32 17.83 43.93
N LEU C 154 50.33 19.07 43.44
CA LEU C 154 49.47 19.46 42.32
C LEU C 154 49.77 18.64 41.06
N GLN C 155 48.70 18.14 40.45
CA GLN C 155 48.83 17.27 39.28
C GLN C 155 48.62 18.06 37.99
N SER C 156 49.13 17.53 36.88
CA SER C 156 49.06 18.21 35.60
C SER C 156 49.31 17.27 34.43
N GLY C 157 48.42 17.31 33.45
CA GLY C 157 48.60 16.55 32.22
C GLY C 157 47.98 15.17 32.23
N ASN C 158 47.52 14.73 33.39
CA ASN C 158 46.94 13.41 33.52
C ASN C 158 45.49 13.44 33.97
N SER C 159 44.81 14.54 33.63
CA SER C 159 43.38 14.65 33.92
C SER C 159 42.66 15.28 32.74
N GLN C 160 41.41 14.90 32.54
CA GLN C 160 40.59 15.46 31.48
C GLN C 160 39.18 15.73 32.00
N GLU C 161 38.53 16.75 31.44
CA GLU C 161 37.20 17.13 31.93
C GLU C 161 36.24 17.50 30.82
N SER C 162 34.95 17.41 31.11
CA SER C 162 33.93 17.84 30.19
C SER C 162 32.73 18.41 30.93
N VAL C 163 32.07 19.38 30.30
CA VAL C 163 30.92 20.04 30.89
C VAL C 163 29.69 19.71 30.06
N THR C 164 28.60 19.34 30.73
CA THR C 164 27.35 19.07 30.02
C THR C 164 26.79 20.37 29.47
N GLU C 165 25.88 20.25 28.50
CA GLU C 165 25.14 21.41 28.02
C GLU C 165 24.27 21.94 29.17
N GLN C 166 23.98 23.24 29.13
CA GLN C 166 23.13 23.84 30.15
C GLN C 166 21.79 23.13 30.23
N ASP C 167 21.39 22.76 31.44
CA ASP C 167 20.12 22.08 31.67
C ASP C 167 18.96 23.02 31.36
N SER C 168 17.97 22.51 30.62
CA SER C 168 16.85 23.34 30.22
C SER C 168 15.82 23.55 31.35
N LYS C 169 16.04 22.91 32.49
CA LYS C 169 15.07 22.98 33.58
C LYS C 169 15.50 23.88 34.75
N ASP C 170 16.74 23.71 35.20
CA ASP C 170 17.26 24.51 36.30
C ASP C 170 18.43 25.39 35.89
N SER C 171 18.75 25.36 34.59
CA SER C 171 19.74 26.26 33.99
C SER C 171 21.15 26.08 34.55
N THR C 172 21.46 24.89 35.05
CA THR C 172 22.77 24.65 35.63
C THR C 172 23.69 23.87 34.72
N TYR C 173 24.96 23.81 35.10
CA TYR C 173 25.97 23.03 34.41
C TYR C 173 26.54 21.98 35.35
N SER C 174 27.09 20.92 34.79
CA SER C 174 27.79 19.92 35.60
C SER C 174 29.12 19.56 34.94
N LEU C 175 30.11 19.27 35.78
CA LEU C 175 31.45 18.99 35.27
C LEU C 175 31.95 17.65 35.80
N SER C 176 32.61 16.90 34.94
CA SER C 176 33.22 15.64 35.33
C SER C 176 34.70 15.65 34.94
N SER C 177 35.57 15.38 35.91
CA SER C 177 37.00 15.34 35.64
C SER C 177 37.58 13.98 36.02
N THR C 178 38.40 13.43 35.14
CA THR C 178 38.96 12.09 35.34
C THR C 178 40.49 12.10 35.45
N LEU C 179 40.98 11.71 36.62
CA LEU C 179 42.42 11.55 36.84
C LEU C 179 42.82 10.11 36.59
N THR C 180 43.78 9.89 35.70
CA THR C 180 44.16 8.54 35.31
C THR C 180 45.63 8.22 35.58
N LEU C 181 45.86 7.20 36.41
CA LEU C 181 47.20 6.71 36.70
C LEU C 181 47.26 5.20 36.51
N SER C 182 48.48 4.65 36.54
CA SER C 182 48.66 3.22 36.44
C SER C 182 48.40 2.55 37.79
N LYS C 183 48.24 1.23 37.76
CA LYS C 183 48.06 0.45 38.99
C LYS C 183 49.22 0.64 39.95
N ALA C 184 50.44 0.64 39.43
CA ALA C 184 51.64 0.78 40.26
C ALA C 184 51.77 2.17 40.85
N ASP C 185 51.60 3.20 40.02
CA ASP C 185 51.72 4.58 40.48
C ASP C 185 50.61 4.94 41.46
N TYR C 186 49.44 4.34 41.28
CA TYR C 186 48.31 4.59 42.18
C TYR C 186 48.61 4.11 43.59
N GLU C 187 49.19 2.92 43.71
CA GLU C 187 49.48 2.34 45.01
C GLU C 187 50.66 3.00 45.71
N LYS C 188 51.46 3.75 44.93
CA LYS C 188 52.60 4.46 45.49
C LYS C 188 52.17 5.59 46.43
N HIS C 189 50.96 6.11 46.22
CA HIS C 189 50.53 7.31 46.92
C HIS C 189 49.37 7.07 47.87
N LYS C 190 49.07 8.08 48.68
CA LYS C 190 48.11 7.95 49.77
C LYS C 190 46.82 8.72 49.54
N VAL C 191 46.91 10.05 49.57
CA VAL C 191 45.74 10.91 49.47
C VAL C 191 45.47 11.38 48.05
N TYR C 192 44.23 11.25 47.62
CA TYR C 192 43.81 11.73 46.31
C TYR C 192 42.69 12.76 46.48
N ALA C 193 42.90 13.96 45.95
CA ALA C 193 41.95 15.06 46.15
C ALA C 193 41.74 15.89 44.89
N CYS C 194 40.53 16.41 44.72
CA CYS C 194 40.28 17.40 43.69
C CYS C 194 39.87 18.71 44.35
N GLU C 195 40.52 19.80 43.95
CA GLU C 195 40.21 21.11 44.50
C GLU C 195 39.31 21.88 43.54
N VAL C 196 38.27 22.48 44.07
CA VAL C 196 37.27 23.14 43.23
C VAL C 196 37.15 24.63 43.54
N THR C 197 37.37 25.45 42.52
CA THR C 197 37.21 26.89 42.62
C THR C 197 36.01 27.35 41.80
N HIS C 198 35.02 27.95 42.46
CA HIS C 198 33.83 28.42 41.78
C HIS C 198 33.29 29.70 42.43
N GLN C 199 32.57 30.49 41.64
CA GLN C 199 32.05 31.77 42.09
C GLN C 199 31.08 31.64 43.27
N GLY C 200 30.37 30.51 43.32
CA GLY C 200 29.42 30.27 44.39
C GLY C 200 30.06 29.72 45.64
N LEU C 201 31.37 29.50 45.58
CA LEU C 201 32.13 29.02 46.72
C LEU C 201 32.93 30.16 47.35
N SER C 202 32.76 30.33 48.65
CA SER C 202 33.44 31.39 49.39
C SER C 202 34.95 31.16 49.37
N SER C 203 35.34 29.89 49.29
CA SER C 203 36.74 29.52 49.22
C SER C 203 36.86 28.18 48.48
N PRO C 204 38.03 27.91 47.89
CA PRO C 204 38.25 26.62 47.21
C PRO C 204 37.96 25.42 48.11
N VAL C 205 37.12 24.51 47.62
CA VAL C 205 36.71 23.35 48.41
C VAL C 205 37.46 22.10 47.94
N THR C 206 37.88 21.27 48.89
CA THR C 206 38.60 20.04 48.57
C THR C 206 37.84 18.80 49.04
N LYS C 207 37.55 17.91 48.10
CA LYS C 207 37.02 16.58 48.43
C LYS C 207 38.11 15.55 48.20
N SER C 208 38.36 14.70 49.19
CA SER C 208 39.47 13.77 49.13
C SER C 208 39.14 12.40 49.73
N PHE C 209 40.05 11.46 49.53
CA PHE C 209 39.93 10.14 50.12
C PHE C 209 41.30 9.50 50.24
N ASN C 210 41.41 8.51 51.13
CA ASN C 210 42.63 7.73 51.25
C ASN C 210 42.45 6.33 50.70
N ARG C 211 43.53 5.74 50.19
CA ARG C 211 43.49 4.38 49.70
C ARG C 211 43.12 3.41 50.82
N GLY C 212 41.83 3.12 50.94
CA GLY C 212 41.34 2.24 51.99
C GLY C 212 39.87 2.50 52.30
N VAL D 15 -52.07 -72.71 -35.19
CA VAL D 15 -51.46 -71.46 -34.79
C VAL D 15 -51.39 -71.34 -33.28
N GLU D 16 -50.22 -70.99 -32.76
CA GLU D 16 -50.03 -70.90 -31.31
C GLU D 16 -49.73 -69.47 -30.88
N CYS D 17 -50.37 -69.04 -29.79
CA CYS D 17 -50.17 -67.70 -29.25
C CYS D 17 -48.74 -67.52 -28.77
N ASP D 18 -48.15 -66.37 -29.09
CA ASP D 18 -46.74 -66.15 -28.84
C ASP D 18 -46.48 -65.31 -27.57
N PHE D 19 -45.88 -65.95 -26.57
CA PHE D 19 -45.49 -65.26 -25.35
C PHE D 19 -44.01 -64.92 -25.36
N SER D 20 -43.36 -65.08 -26.52
CA SER D 20 -41.92 -64.89 -26.66
C SER D 20 -41.36 -63.57 -26.11
N PRO D 21 -41.99 -62.41 -26.45
CA PRO D 21 -41.39 -61.15 -26.00
C PRO D 21 -41.23 -61.05 -24.48
N LEU D 22 -42.06 -61.79 -23.75
CA LEU D 22 -42.00 -61.81 -22.29
C LEU D 22 -40.68 -62.41 -21.80
N LEU D 23 -40.20 -63.42 -22.52
CA LEU D 23 -39.06 -64.20 -22.06
C LEU D 23 -37.71 -63.67 -22.58
N SER D 24 -37.69 -62.41 -23.00
CA SER D 24 -36.47 -61.82 -23.53
C SER D 24 -36.34 -60.35 -23.18
N GLY D 25 -35.10 -59.87 -23.14
CA GLY D 25 -34.83 -58.47 -22.88
C GLY D 25 -35.20 -58.04 -21.47
N THR D 26 -35.21 -56.73 -21.26
CA THR D 26 -35.52 -56.16 -19.95
C THR D 26 -36.99 -55.80 -19.85
N PRO D 27 -37.73 -56.49 -18.96
CA PRO D 27 -39.13 -56.16 -18.73
C PRO D 27 -39.27 -54.77 -18.11
N PRO D 28 -40.25 -53.99 -18.57
CA PRO D 28 -40.45 -52.61 -18.10
C PRO D 28 -41.02 -52.55 -16.68
N GLN D 29 -41.07 -51.34 -16.13
CA GLN D 29 -41.66 -51.16 -14.80
C GLN D 29 -43.17 -51.19 -14.91
N VAL D 30 -43.84 -51.10 -13.77
CA VAL D 30 -45.29 -51.28 -13.71
C VAL D 30 -46.04 -50.20 -14.49
N TYR D 31 -45.52 -48.97 -14.48
CA TYR D 31 -46.18 -47.86 -15.14
C TYR D 31 -45.90 -47.83 -16.64
N ASN D 32 -44.94 -48.63 -17.09
CA ASN D 32 -44.65 -48.76 -18.51
C ASN D 32 -44.91 -50.18 -19.00
N PHE D 33 -45.96 -50.80 -18.47
CA PHE D 33 -46.25 -52.21 -18.76
C PHE D 33 -46.43 -52.48 -20.25
N LYS D 34 -45.89 -53.61 -20.71
CA LYS D 34 -46.04 -54.03 -22.08
C LYS D 34 -47.27 -54.92 -22.24
N ARG D 35 -48.05 -54.66 -23.29
CA ARG D 35 -49.30 -55.38 -23.51
C ARG D 35 -49.24 -56.27 -24.74
N LEU D 36 -49.49 -57.56 -24.54
CA LEU D 36 -49.65 -58.50 -25.65
C LEU D 36 -51.13 -58.76 -25.88
N VAL D 37 -51.55 -58.63 -27.14
CA VAL D 37 -52.94 -58.87 -27.51
C VAL D 37 -53.03 -60.09 -28.42
N PHE D 38 -53.92 -61.02 -28.07
CA PHE D 38 -54.04 -62.27 -28.81
C PHE D 38 -55.43 -62.49 -29.39
N THR D 39 -55.49 -62.67 -30.70
CA THR D 39 -56.73 -63.02 -31.40
C THR D 39 -56.43 -64.11 -32.43
N ASN D 40 -57.36 -65.05 -32.59
CA ASN D 40 -57.23 -66.14 -33.55
C ASN D 40 -55.94 -66.95 -33.38
N CYS D 41 -55.76 -67.50 -32.19
CA CYS D 41 -54.60 -68.33 -31.90
C CYS D 41 -54.88 -69.23 -30.70
N ASN D 42 -54.05 -70.26 -30.52
CA ASN D 42 -54.20 -71.16 -29.39
C ASN D 42 -53.10 -70.96 -28.35
N TYR D 43 -53.51 -70.82 -27.09
CA TYR D 43 -52.58 -70.49 -26.01
C TYR D 43 -52.29 -71.68 -25.11
N ASN D 44 -51.17 -71.60 -24.39
CA ASN D 44 -50.80 -72.60 -23.41
C ASN D 44 -50.32 -71.92 -22.13
N LEU D 45 -51.26 -71.62 -21.25
CA LEU D 45 -50.97 -70.92 -20.00
C LEU D 45 -50.11 -71.77 -19.08
N THR D 46 -50.32 -73.08 -19.14
CA THR D 46 -49.55 -74.03 -18.34
C THR D 46 -48.06 -73.94 -18.65
N LYS D 47 -47.74 -73.73 -19.91
CA LYS D 47 -46.35 -73.61 -20.34
C LYS D 47 -45.73 -72.33 -19.81
N LEU D 48 -46.49 -71.24 -19.86
CA LEU D 48 -46.03 -69.95 -19.37
C LEU D 48 -45.73 -69.98 -17.87
N LEU D 49 -46.64 -70.58 -17.10
CA LEU D 49 -46.48 -70.69 -15.66
C LEU D 49 -45.36 -71.66 -15.28
N SER D 50 -45.07 -72.61 -16.17
CA SER D 50 -44.02 -73.58 -15.93
C SER D 50 -42.64 -72.93 -15.94
N LEU D 51 -42.50 -71.87 -16.74
CA LEU D 51 -41.21 -71.21 -16.89
C LEU D 51 -40.92 -70.27 -15.73
N PHE D 52 -41.93 -70.03 -14.90
CA PHE D 52 -41.78 -69.12 -13.76
C PHE D 52 -42.07 -69.79 -12.42
N SER D 53 -41.62 -69.14 -11.36
CA SER D 53 -41.94 -69.56 -10.00
C SER D 53 -43.09 -68.72 -9.46
N VAL D 54 -44.32 -69.17 -9.71
CA VAL D 54 -45.52 -68.41 -9.37
C VAL D 54 -45.74 -68.31 -7.87
N ASN D 55 -45.71 -67.08 -7.35
CA ASN D 55 -45.88 -66.83 -5.92
C ASN D 55 -47.31 -66.45 -5.55
N ASP D 56 -48.08 -65.99 -6.53
CA ASP D 56 -49.47 -65.59 -6.30
C ASP D 56 -50.28 -65.61 -7.60
N PHE D 57 -51.44 -66.26 -7.54
CA PHE D 57 -52.32 -66.37 -8.69
C PHE D 57 -53.75 -66.08 -8.25
N THR D 58 -54.16 -64.82 -8.38
CA THR D 58 -55.50 -64.41 -7.98
C THR D 58 -56.28 -63.88 -9.19
N CYS D 59 -57.58 -64.14 -9.22
CA CYS D 59 -58.42 -63.74 -10.35
C CYS D 59 -59.67 -63.02 -9.89
N SER D 60 -60.31 -62.31 -10.83
CA SER D 60 -61.55 -61.59 -10.55
C SER D 60 -62.61 -61.99 -11.58
N GLN D 61 -63.73 -62.49 -11.07
CA GLN D 61 -64.86 -62.94 -11.90
C GLN D 61 -64.49 -64.10 -12.82
N ILE D 62 -63.43 -64.81 -12.45
CA ILE D 62 -62.99 -66.01 -13.16
C ILE D 62 -62.04 -66.77 -12.24
N SER D 63 -61.72 -68.01 -12.60
CA SER D 63 -60.82 -68.82 -11.79
C SER D 63 -59.56 -69.16 -12.58
N PRO D 64 -58.47 -69.46 -11.87
CA PRO D 64 -57.22 -69.91 -12.51
C PRO D 64 -57.43 -71.15 -13.39
N ALA D 65 -58.34 -72.03 -12.98
CA ALA D 65 -58.65 -73.21 -13.77
C ALA D 65 -59.38 -72.79 -15.06
N ALA D 66 -60.32 -71.87 -14.91
CA ALA D 66 -61.11 -71.42 -16.05
C ALA D 66 -60.29 -70.57 -17.02
N ILE D 67 -59.41 -69.73 -16.49
CA ILE D 67 -58.65 -68.80 -17.33
C ILE D 67 -57.73 -69.54 -18.29
N ALA D 68 -57.34 -70.76 -17.94
CA ALA D 68 -56.43 -71.54 -18.75
C ALA D 68 -57.12 -72.65 -19.56
N SER D 69 -58.44 -72.57 -19.68
CA SER D 69 -59.17 -73.61 -20.40
C SER D 69 -60.40 -73.10 -21.17
N ASN D 70 -60.50 -71.79 -21.35
CA ASN D 70 -61.66 -71.22 -22.03
C ASN D 70 -61.32 -70.49 -23.33
N CYS D 71 -62.33 -70.31 -24.17
CA CYS D 71 -62.17 -69.57 -25.43
C CYS D 71 -62.67 -68.14 -25.30
N TYR D 72 -61.89 -67.20 -25.82
CA TYR D 72 -62.20 -65.78 -25.73
C TYR D 72 -62.15 -65.12 -27.10
N SER D 73 -62.75 -63.94 -27.21
CA SER D 73 -62.63 -63.15 -28.43
C SER D 73 -61.23 -62.56 -28.52
N SER D 74 -60.69 -62.13 -27.38
CA SER D 74 -59.31 -61.67 -27.30
C SER D 74 -58.77 -61.87 -25.89
N LEU D 75 -57.45 -62.04 -25.80
CA LEU D 75 -56.79 -62.19 -24.50
C LEU D 75 -55.64 -61.19 -24.39
N ILE D 76 -55.71 -60.35 -23.37
CA ILE D 76 -54.69 -59.33 -23.14
C ILE D 76 -53.77 -59.76 -22.01
N LEU D 77 -52.47 -59.67 -22.24
CA LEU D 77 -51.48 -60.03 -21.24
C LEU D 77 -50.51 -58.88 -20.98
N ASP D 78 -50.62 -58.27 -19.80
CA ASP D 78 -49.68 -57.24 -19.39
C ASP D 78 -48.61 -57.85 -18.51
N TYR D 79 -47.35 -57.51 -18.78
CA TYR D 79 -46.25 -57.97 -17.94
C TYR D 79 -45.27 -56.84 -17.64
N PHE D 80 -44.62 -56.94 -16.49
CA PHE D 80 -43.73 -55.90 -16.01
C PHE D 80 -42.93 -56.38 -14.81
N SER D 81 -41.81 -55.70 -14.52
CA SER D 81 -41.06 -55.95 -13.31
C SER D 81 -41.84 -55.44 -12.11
N TYR D 82 -41.92 -56.25 -11.06
CA TYR D 82 -42.65 -55.88 -9.86
C TYR D 82 -42.14 -56.66 -8.65
N PRO D 83 -41.74 -55.93 -7.60
CA PRO D 83 -41.24 -56.57 -6.37
C PRO D 83 -42.36 -57.24 -5.59
N LEU D 84 -42.11 -58.46 -5.13
CA LEU D 84 -43.10 -59.23 -4.39
C LEU D 84 -43.44 -58.56 -3.05
N SER D 85 -42.53 -57.73 -2.56
CA SER D 85 -42.74 -57.02 -1.29
C SER D 85 -43.89 -56.02 -1.40
N MET D 86 -44.24 -55.63 -2.62
CA MET D 86 -45.36 -54.71 -2.82
C MET D 86 -46.61 -55.46 -3.29
N LYS D 87 -46.73 -56.72 -2.86
CA LYS D 87 -47.88 -57.56 -3.20
C LYS D 87 -49.22 -56.90 -2.88
N SER D 88 -49.37 -56.41 -1.65
CA SER D 88 -50.62 -55.84 -1.18
C SER D 88 -51.03 -54.59 -1.96
N ASP D 89 -50.03 -53.83 -2.40
CA ASP D 89 -50.29 -52.56 -3.05
C ASP D 89 -50.84 -52.74 -4.46
N LEU D 90 -50.62 -53.93 -5.03
CA LEU D 90 -51.16 -54.27 -6.34
C LEU D 90 -52.50 -54.96 -6.15
N SER D 91 -53.43 -54.26 -5.52
CA SER D 91 -54.76 -54.80 -5.24
C SER D 91 -55.84 -53.76 -5.45
N VAL D 92 -57.07 -54.23 -5.66
CA VAL D 92 -58.21 -53.37 -5.90
C VAL D 92 -58.57 -52.56 -4.65
N SER D 93 -58.45 -53.19 -3.49
CA SER D 93 -58.83 -52.57 -2.23
C SER D 93 -57.66 -51.87 -1.56
N SER D 94 -56.62 -51.55 -2.34
CA SER D 94 -55.46 -50.85 -1.80
C SER D 94 -55.35 -49.44 -2.37
N ALA D 95 -55.22 -48.45 -1.48
CA ALA D 95 -55.12 -47.06 -1.90
C ALA D 95 -53.66 -46.67 -2.15
N GLY D 96 -52.81 -47.67 -2.33
CA GLY D 96 -51.40 -47.43 -2.61
C GLY D 96 -51.20 -46.81 -3.98
N PRO D 97 -50.03 -46.21 -4.21
CA PRO D 97 -49.74 -45.47 -5.45
C PRO D 97 -49.83 -46.33 -6.72
N ILE D 98 -49.56 -47.62 -6.58
CA ILE D 98 -49.59 -48.54 -7.72
C ILE D 98 -50.96 -48.57 -8.39
N SER D 99 -52.00 -48.91 -7.63
CA SER D 99 -53.35 -48.99 -8.18
C SER D 99 -53.91 -47.61 -8.52
N GLN D 100 -53.38 -46.58 -7.88
CA GLN D 100 -53.87 -45.22 -8.09
C GLN D 100 -53.26 -44.57 -9.34
N PHE D 101 -51.96 -44.72 -9.53
CA PHE D 101 -51.28 -43.99 -10.60
C PHE D 101 -50.59 -44.86 -11.63
N ASN D 102 -50.28 -46.10 -11.27
CA ASN D 102 -49.45 -46.94 -12.14
C ASN D 102 -50.23 -47.92 -13.01
N TYR D 103 -50.95 -48.85 -12.38
CA TYR D 103 -51.60 -49.92 -13.11
C TYR D 103 -52.94 -50.33 -12.49
N LYS D 104 -53.99 -50.29 -13.30
CA LYS D 104 -55.32 -50.68 -12.87
C LYS D 104 -56.01 -51.52 -13.94
N GLN D 105 -56.44 -52.72 -13.57
CA GLN D 105 -57.08 -53.63 -14.51
C GLN D 105 -58.56 -53.33 -14.70
N SER D 106 -59.16 -53.94 -15.72
CA SER D 106 -60.56 -53.75 -16.05
C SER D 106 -61.49 -54.18 -14.92
N PHE D 107 -62.56 -53.41 -14.73
CA PHE D 107 -63.59 -53.76 -13.75
C PHE D 107 -64.73 -54.51 -14.44
N SER D 108 -64.90 -54.25 -15.74
CA SER D 108 -66.02 -54.79 -16.50
C SER D 108 -65.65 -56.04 -17.31
N ASN D 109 -64.43 -56.53 -17.11
CA ASN D 109 -63.98 -57.76 -17.75
C ASN D 109 -63.30 -58.67 -16.74
N PRO D 110 -63.41 -60.00 -16.95
CA PRO D 110 -62.70 -60.95 -16.10
C PRO D 110 -61.19 -60.71 -16.15
N THR D 111 -60.54 -60.68 -14.99
CA THR D 111 -59.11 -60.43 -14.94
C THR D 111 -58.39 -61.40 -14.01
N CYS D 112 -57.10 -61.60 -14.27
CA CYS D 112 -56.25 -62.35 -13.38
C CYS D 112 -54.97 -61.56 -13.10
N LEU D 113 -54.36 -61.84 -11.96
CA LEU D 113 -53.13 -61.18 -11.57
C LEU D 113 -52.15 -62.21 -11.01
N ILE D 114 -50.96 -62.26 -11.60
CA ILE D 114 -49.97 -63.25 -11.24
C ILE D 114 -48.64 -62.60 -10.84
N LEU D 115 -48.19 -62.90 -9.63
CA LEU D 115 -46.89 -62.44 -9.16
C LEU D 115 -45.90 -63.59 -9.20
N ALA D 116 -44.89 -63.48 -10.05
CA ALA D 116 -43.96 -64.58 -10.26
C ALA D 116 -42.51 -64.15 -10.10
N THR D 117 -41.65 -65.12 -9.79
CA THR D 117 -40.23 -64.89 -9.67
C THR D 117 -39.49 -65.64 -10.77
N VAL D 118 -38.51 -64.98 -11.38
CA VAL D 118 -37.69 -65.61 -12.41
C VAL D 118 -36.69 -66.59 -11.81
N PRO D 119 -36.85 -67.89 -12.12
CA PRO D 119 -35.97 -68.93 -11.57
C PRO D 119 -34.63 -69.04 -12.29
N HIS D 120 -33.73 -69.87 -11.76
CA HIS D 120 -32.43 -70.11 -12.39
C HIS D 120 -32.63 -70.75 -13.76
N ASN D 121 -33.73 -71.50 -13.88
CA ASN D 121 -34.27 -71.97 -15.15
C ASN D 121 -34.15 -70.94 -16.26
N LEU D 122 -34.70 -69.75 -16.00
CA LEU D 122 -34.74 -68.68 -16.97
C LEU D 122 -33.50 -67.81 -16.89
N THR D 123 -32.79 -67.72 -18.02
CA THR D 123 -31.55 -66.97 -18.07
C THR D 123 -31.52 -66.10 -19.32
N THR D 124 -32.69 -65.88 -19.92
CA THR D 124 -32.79 -65.07 -21.13
C THR D 124 -33.39 -63.70 -20.82
N ILE D 125 -34.00 -63.57 -19.66
CA ILE D 125 -34.58 -62.29 -19.24
C ILE D 125 -33.52 -61.42 -18.59
N THR D 126 -33.27 -60.25 -19.19
CA THR D 126 -32.28 -59.32 -18.66
C THR D 126 -32.87 -58.56 -17.47
N LYS D 127 -32.04 -58.33 -16.46
CA LYS D 127 -32.46 -57.74 -15.21
C LYS D 127 -32.32 -56.21 -15.21
N PRO D 128 -33.37 -55.49 -14.76
CA PRO D 128 -33.31 -54.03 -14.61
C PRO D 128 -32.38 -53.61 -13.48
N LEU D 129 -32.00 -52.35 -13.44
CA LEU D 129 -31.13 -51.85 -12.38
C LEU D 129 -31.86 -51.80 -11.05
N LYS D 130 -33.17 -51.56 -11.10
CA LYS D 130 -33.99 -51.45 -9.89
C LYS D 130 -35.47 -51.50 -10.23
N TYR D 131 -36.31 -51.61 -9.21
CA TYR D 131 -37.75 -51.47 -9.40
C TYR D 131 -38.14 -50.00 -9.27
N SER D 132 -39.03 -49.55 -10.13
CA SER D 132 -39.47 -48.15 -10.10
C SER D 132 -40.98 -48.04 -10.24
N TYR D 133 -41.57 -47.09 -9.52
CA TYR D 133 -43.00 -46.82 -9.65
C TYR D 133 -43.31 -45.35 -9.39
N ILE D 134 -44.42 -44.88 -9.96
CA ILE D 134 -44.87 -43.51 -9.76
C ILE D 134 -45.60 -43.38 -8.43
N ASN D 135 -45.07 -42.54 -7.55
CA ASN D 135 -45.66 -42.36 -6.23
C ASN D 135 -46.83 -41.38 -6.25
N LYS D 136 -46.66 -40.30 -6.99
CA LYS D 136 -47.73 -39.31 -7.18
C LYS D 136 -47.76 -38.81 -8.61
N CYS D 137 -48.97 -38.55 -9.12
CA CYS D 137 -49.14 -38.01 -10.47
C CYS D 137 -50.32 -37.06 -10.48
N SER D 138 -50.04 -35.77 -10.61
CA SER D 138 -51.09 -34.76 -10.51
C SER D 138 -51.00 -33.71 -11.60
N ARG D 139 -52.11 -33.00 -11.80
CA ARG D 139 -52.15 -31.84 -12.68
C ARG D 139 -52.11 -30.56 -11.85
N PHE D 140 -51.05 -29.79 -11.99
CA PHE D 140 -50.97 -28.49 -11.32
C PHE D 140 -51.66 -27.46 -12.21
N LEU D 141 -52.79 -26.96 -11.74
CA LEU D 141 -53.65 -26.11 -12.57
C LEU D 141 -53.03 -24.75 -12.88
N SER D 142 -53.67 -24.03 -13.79
CA SER D 142 -53.18 -22.74 -14.26
C SER D 142 -53.20 -21.69 -13.16
N ASP D 143 -54.05 -21.90 -12.15
CA ASP D 143 -54.18 -20.97 -11.04
C ASP D 143 -52.95 -20.97 -10.14
N ASP D 144 -52.15 -22.04 -10.22
CA ASP D 144 -51.02 -22.27 -9.32
C ASP D 144 -51.51 -22.42 -7.88
N ARG D 145 -52.81 -22.68 -7.73
CA ARG D 145 -53.42 -22.78 -6.42
C ARG D 145 -53.97 -24.17 -6.14
N THR D 146 -54.29 -24.89 -7.21
CA THR D 146 -55.01 -26.14 -7.09
C THR D 146 -54.24 -27.35 -7.64
N GLU D 147 -54.24 -28.44 -6.90
CA GLU D 147 -53.61 -29.68 -7.34
C GLU D 147 -54.66 -30.77 -7.56
N VAL D 148 -54.64 -31.38 -8.75
CA VAL D 148 -55.58 -32.44 -9.08
C VAL D 148 -54.87 -33.73 -9.45
N PRO D 149 -54.90 -34.71 -8.54
CA PRO D 149 -54.24 -36.00 -8.78
C PRO D 149 -54.84 -36.73 -9.99
N GLN D 150 -53.98 -37.39 -10.76
CA GLN D 150 -54.41 -38.09 -11.96
C GLN D 150 -54.45 -39.59 -11.74
N LEU D 151 -55.64 -40.10 -11.41
CA LEU D 151 -55.82 -41.53 -11.20
C LEU D 151 -55.84 -42.28 -12.53
N VAL D 152 -55.03 -43.33 -12.63
CA VAL D 152 -54.93 -44.10 -13.86
C VAL D 152 -56.20 -44.87 -14.13
N ASN D 153 -56.65 -44.86 -15.39
CA ASN D 153 -57.85 -45.58 -15.77
C ASN D 153 -57.53 -47.01 -16.18
N ALA D 154 -58.57 -47.84 -16.28
CA ALA D 154 -58.42 -49.23 -16.68
C ALA D 154 -57.90 -49.34 -18.11
N ASN D 155 -57.01 -50.30 -18.33
CA ASN D 155 -56.43 -50.57 -19.65
C ASN D 155 -55.69 -49.38 -20.24
N GLN D 156 -55.23 -48.49 -19.39
CA GLN D 156 -54.54 -47.29 -19.85
C GLN D 156 -53.28 -47.02 -19.05
N TYR D 157 -52.39 -46.20 -19.61
CA TYR D 157 -51.18 -45.77 -18.91
C TYR D 157 -51.46 -44.50 -18.12
N SER D 158 -50.52 -44.13 -17.26
CA SER D 158 -50.61 -42.87 -16.53
C SER D 158 -50.33 -41.70 -17.47
N PRO D 159 -50.98 -40.55 -17.22
CA PRO D 159 -50.66 -39.35 -17.99
C PRO D 159 -49.22 -38.90 -17.77
N CYS D 160 -48.59 -39.38 -16.70
CA CYS D 160 -47.24 -38.96 -16.34
C CYS D 160 -46.16 -39.90 -16.87
N VAL D 161 -46.53 -40.83 -17.75
CA VAL D 161 -45.54 -41.72 -18.36
C VAL D 161 -44.69 -40.95 -19.37
N SER D 162 -45.13 -39.75 -19.71
CA SER D 162 -44.41 -38.89 -20.64
C SER D 162 -43.34 -38.08 -19.93
N ILE D 163 -43.38 -38.07 -18.60
CA ILE D 163 -42.44 -37.28 -17.82
C ILE D 163 -41.64 -38.14 -16.84
N VAL D 164 -42.08 -39.38 -16.64
CA VAL D 164 -41.37 -40.30 -15.76
C VAL D 164 -40.52 -41.28 -16.56
N PRO D 165 -39.21 -41.28 -16.32
CA PRO D 165 -38.26 -42.16 -17.02
C PRO D 165 -38.57 -43.64 -16.83
N SER D 166 -38.02 -44.48 -17.69
CA SER D 166 -38.25 -45.92 -17.60
C SER D 166 -37.63 -46.50 -16.33
N THR D 167 -36.66 -45.78 -15.77
CA THR D 167 -36.04 -46.16 -14.51
C THR D 167 -35.78 -44.92 -13.67
N VAL D 168 -36.40 -44.86 -12.49
CA VAL D 168 -36.22 -43.73 -11.59
C VAL D 168 -34.81 -43.75 -11.01
N TRP D 169 -34.09 -42.64 -11.16
CA TRP D 169 -32.70 -42.55 -10.74
C TRP D 169 -32.56 -42.53 -9.21
N GLU D 170 -33.28 -41.61 -8.58
CA GLU D 170 -33.22 -41.47 -7.12
C GLU D 170 -34.63 -41.55 -6.53
N ASP D 171 -34.77 -42.25 -5.41
CA ASP D 171 -36.06 -42.39 -4.76
C ASP D 171 -36.59 -41.05 -4.27
N GLY D 172 -37.70 -40.62 -4.84
CA GLY D 172 -38.30 -39.35 -4.47
C GLY D 172 -38.01 -38.25 -5.47
N ASP D 173 -37.58 -38.65 -6.67
CA ASP D 173 -37.26 -37.69 -7.72
C ASP D 173 -38.50 -36.95 -8.21
N TYR D 174 -38.28 -35.78 -8.79
CA TYR D 174 -39.36 -34.89 -9.18
C TYR D 174 -39.40 -34.69 -10.70
N TYR D 175 -40.61 -34.64 -11.25
CA TYR D 175 -40.78 -34.43 -12.68
C TYR D 175 -41.90 -33.43 -12.95
N ARG D 176 -41.74 -32.65 -14.01
CA ARG D 176 -42.75 -31.65 -14.37
C ARG D 176 -42.70 -31.35 -15.87
N LYS D 177 -43.85 -30.99 -16.43
CA LYS D 177 -43.95 -30.67 -17.84
C LYS D 177 -44.86 -29.49 -18.08
N GLN D 178 -44.39 -28.53 -18.87
CA GLN D 178 -45.21 -27.39 -19.27
C GLN D 178 -46.27 -27.86 -20.27
N LEU D 179 -47.54 -27.74 -19.89
CA LEU D 179 -48.64 -28.13 -20.76
C LEU D 179 -49.12 -26.96 -21.60
N SER D 180 -49.32 -27.20 -22.90
CA SER D 180 -49.85 -26.18 -23.80
C SER D 180 -51.27 -25.81 -23.40
N PRO D 181 -51.68 -24.56 -23.70
CA PRO D 181 -53.04 -24.11 -23.43
C PRO D 181 -54.11 -25.03 -24.03
N LEU D 182 -53.78 -25.69 -25.12
CA LEU D 182 -54.70 -26.62 -25.76
C LEU D 182 -54.91 -27.85 -24.87
N GLU D 183 -53.89 -28.22 -24.11
CA GLU D 183 -53.96 -29.36 -23.20
C GLU D 183 -54.61 -28.98 -21.88
N GLY D 184 -55.13 -27.75 -21.79
CA GLY D 184 -55.76 -27.28 -20.58
C GLY D 184 -54.83 -26.42 -19.74
N GLY D 185 -53.63 -26.20 -20.26
CA GLY D 185 -52.64 -25.38 -19.58
C GLY D 185 -52.18 -26.00 -18.28
N GLY D 186 -51.58 -25.18 -17.42
CA GLY D 186 -51.08 -25.65 -16.15
C GLY D 186 -49.88 -26.57 -16.28
N TRP D 187 -49.59 -27.33 -15.24
CA TRP D 187 -48.45 -28.21 -15.23
C TRP D 187 -48.85 -29.68 -15.07
N LEU D 188 -47.96 -30.57 -15.46
CA LEU D 188 -48.12 -32.00 -15.20
C LEU D 188 -46.95 -32.48 -14.38
N VAL D 189 -47.18 -32.72 -13.10
CA VAL D 189 -46.10 -33.09 -12.19
C VAL D 189 -46.23 -34.54 -11.71
N ALA D 190 -45.11 -35.11 -11.29
CA ALA D 190 -45.10 -36.48 -10.77
C ALA D 190 -43.88 -36.73 -9.89
N SER D 191 -43.95 -37.80 -9.09
CA SER D 191 -42.85 -38.20 -8.23
C SER D 191 -42.54 -39.67 -8.40
N GLY D 192 -41.25 -40.02 -8.47
CA GLY D 192 -40.84 -41.38 -8.67
C GLY D 192 -40.27 -42.02 -7.41
N SER D 193 -40.53 -43.32 -7.25
CA SER D 193 -40.01 -44.07 -6.11
C SER D 193 -39.29 -45.33 -6.58
N THR D 194 -38.26 -45.71 -5.84
CA THR D 194 -37.46 -46.87 -6.20
C THR D 194 -37.51 -47.94 -5.12
N VAL D 195 -37.40 -49.20 -5.54
CA VAL D 195 -37.26 -50.33 -4.63
C VAL D 195 -36.06 -51.16 -5.09
N ALA D 196 -35.19 -51.50 -4.14
CA ALA D 196 -33.95 -52.23 -4.44
C ALA D 196 -34.21 -53.52 -5.22
N MET D 197 -33.31 -53.84 -6.14
CA MET D 197 -33.44 -55.04 -6.96
C MET D 197 -33.15 -56.29 -6.13
N THR D 198 -34.01 -57.30 -6.28
CA THR D 198 -33.87 -58.56 -5.57
C THR D 198 -32.86 -59.47 -6.26
N GLU D 199 -32.44 -60.53 -5.59
CA GLU D 199 -31.47 -61.47 -6.16
C GLU D 199 -32.03 -62.15 -7.39
N GLN D 200 -33.31 -62.51 -7.33
CA GLN D 200 -34.01 -63.02 -8.49
C GLN D 200 -35.06 -62.02 -8.94
N LEU D 201 -35.14 -61.78 -10.24
CA LEU D 201 -36.10 -60.83 -10.79
C LEU D 201 -37.54 -61.29 -10.53
N GLN D 202 -38.34 -60.39 -10.00
CA GLN D 202 -39.75 -60.67 -9.72
C GLN D 202 -40.63 -59.86 -10.65
N MET D 203 -41.68 -60.49 -11.17
CA MET D 203 -42.53 -59.86 -12.17
C MET D 203 -44.01 -59.93 -11.83
N GLY D 204 -44.79 -59.09 -12.49
CA GLY D 204 -46.23 -59.13 -12.36
C GLY D 204 -46.88 -59.41 -13.70
N PHE D 205 -47.80 -60.36 -13.73
CA PHE D 205 -48.53 -60.69 -14.95
C PHE D 205 -50.01 -60.35 -14.84
N GLY D 206 -50.46 -59.41 -15.67
CA GLY D 206 -51.86 -59.03 -15.72
C GLY D 206 -52.57 -59.63 -16.91
N ILE D 207 -53.63 -60.38 -16.65
CA ILE D 207 -54.42 -61.01 -17.70
C ILE D 207 -55.85 -60.47 -17.74
N THR D 208 -56.34 -60.16 -18.93
CA THR D 208 -57.71 -59.69 -19.11
C THR D 208 -58.33 -60.32 -20.35
N VAL D 209 -59.47 -60.97 -20.19
CA VAL D 209 -60.11 -61.65 -21.32
C VAL D 209 -61.42 -60.99 -21.74
N GLN D 210 -61.73 -61.11 -23.03
CA GLN D 210 -62.97 -60.61 -23.58
C GLN D 210 -63.73 -61.74 -24.24
N TYR D 211 -64.86 -62.13 -23.65
CA TYR D 211 -65.70 -63.17 -24.23
C TYR D 211 -66.54 -62.58 -25.36
N GLY D 212 -66.68 -63.35 -26.44
CA GLY D 212 -67.49 -62.92 -27.56
C GLY D 212 -68.86 -63.58 -27.53
N THR D 213 -69.78 -63.07 -28.36
CA THR D 213 -71.13 -63.62 -28.42
C THR D 213 -71.18 -64.80 -29.38
N ASP D 214 -70.44 -64.70 -30.48
CA ASP D 214 -70.45 -65.73 -31.51
C ASP D 214 -69.06 -66.23 -31.85
N THR D 215 -68.06 -65.38 -31.66
CA THR D 215 -66.70 -65.71 -32.05
C THR D 215 -65.71 -65.69 -30.90
N ASN D 216 -65.20 -66.85 -30.53
CA ASN D 216 -64.16 -66.96 -29.52
C ASN D 216 -63.01 -67.81 -30.03
N SER D 217 -62.09 -67.17 -30.76
CA SER D 217 -61.03 -67.90 -31.47
C SER D 217 -59.78 -68.12 -30.62
N VAL D 218 -59.72 -67.51 -29.44
CA VAL D 218 -58.57 -67.70 -28.57
C VAL D 218 -58.82 -68.84 -27.59
N CYS D 219 -58.59 -70.06 -28.06
CA CYS D 219 -58.86 -71.25 -27.28
C CYS D 219 -57.56 -71.91 -26.82
N PRO D 220 -57.62 -72.69 -25.73
CA PRO D 220 -56.40 -73.36 -25.26
C PRO D 220 -55.88 -74.38 -26.26
N LYS D 221 -54.57 -74.61 -26.23
CA LYS D 221 -53.93 -75.56 -27.13
C LYS D 221 -53.99 -76.98 -26.56
N LEU D 222 -54.56 -77.90 -27.33
CA LEU D 222 -54.68 -79.30 -26.88
C LEU D 222 -53.65 -80.20 -27.55
N GLU D 223 -53.36 -81.31 -26.90
CA GLU D 223 -52.43 -82.30 -27.44
C GLU D 223 -53.19 -83.46 -28.09
N PHE D 224 -52.47 -84.34 -28.77
CA PHE D 224 -53.07 -85.47 -29.44
C PHE D 224 -52.29 -86.75 -29.14
N ALA D 225 -51.80 -86.86 -27.91
CA ALA D 225 -51.03 -88.02 -27.49
C ALA D 225 -51.14 -88.22 -25.98
N GLN E 1 -40.93 -11.98 -13.19
CA GLN E 1 -40.57 -13.23 -12.52
C GLN E 1 -40.84 -13.13 -11.02
N VAL E 2 -40.90 -14.29 -10.36
CA VAL E 2 -41.12 -14.32 -8.92
C VAL E 2 -39.82 -13.99 -8.19
N GLN E 3 -39.95 -13.40 -7.00
CA GLN E 3 -38.79 -13.07 -6.18
C GLN E 3 -38.77 -13.93 -4.92
N LEU E 4 -37.57 -14.20 -4.40
CA LEU E 4 -37.43 -14.97 -3.18
C LEU E 4 -36.91 -14.09 -2.03
N VAL E 5 -37.81 -13.76 -1.10
CA VAL E 5 -37.45 -12.94 0.05
C VAL E 5 -37.29 -13.78 1.31
N GLN E 6 -36.12 -13.69 1.93
CA GLN E 6 -35.82 -14.50 3.10
C GLN E 6 -36.00 -13.71 4.40
N SER E 7 -35.95 -14.40 5.52
CA SER E 7 -36.09 -13.74 6.82
C SER E 7 -34.82 -12.95 7.18
N GLY E 8 -34.92 -12.13 8.22
CA GLY E 8 -33.81 -11.28 8.62
C GLY E 8 -32.66 -12.06 9.23
N ALA E 9 -31.59 -11.36 9.57
CA ALA E 9 -30.41 -11.98 10.13
C ALA E 9 -30.70 -12.56 11.51
N GLU E 10 -30.10 -13.72 11.81
CA GLU E 10 -30.31 -14.39 13.08
C GLU E 10 -29.02 -14.47 13.89
N VAL E 11 -29.14 -14.22 15.19
CA VAL E 11 -28.00 -14.36 16.10
C VAL E 11 -28.33 -15.38 17.18
N LYS E 12 -27.90 -16.61 16.98
CA LYS E 12 -28.22 -17.70 17.89
C LYS E 12 -26.99 -18.22 18.64
N LYS E 13 -27.22 -18.72 19.84
CA LYS E 13 -26.15 -19.28 20.65
C LYS E 13 -25.82 -20.71 20.22
N PRO E 14 -24.59 -21.18 20.48
CA PRO E 14 -24.23 -22.55 20.13
C PRO E 14 -25.06 -23.59 20.86
N GLY E 15 -25.78 -24.41 20.10
CA GLY E 15 -26.65 -25.41 20.67
C GLY E 15 -28.13 -25.08 20.48
N SER E 16 -28.39 -23.84 20.06
CA SER E 16 -29.76 -23.38 19.86
C SER E 16 -30.30 -23.80 18.51
N SER E 17 -31.46 -23.28 18.14
CA SER E 17 -32.09 -23.59 16.87
C SER E 17 -32.44 -22.32 16.09
N VAL E 18 -32.27 -22.38 14.77
CA VAL E 18 -32.57 -21.25 13.91
C VAL E 18 -33.49 -21.70 12.77
N LYS E 19 -34.46 -20.85 12.42
CA LYS E 19 -35.40 -21.17 11.35
C LYS E 19 -35.49 -20.00 10.36
N VAL E 20 -34.97 -20.22 9.16
CA VAL E 20 -34.96 -19.19 8.11
C VAL E 20 -36.11 -19.39 7.14
N SER E 21 -36.80 -18.30 6.80
CA SER E 21 -37.94 -18.37 5.89
C SER E 21 -37.54 -17.99 4.46
N CYS E 22 -38.42 -18.29 3.51
CA CYS E 22 -38.19 -18.00 2.10
C CYS E 22 -39.52 -17.79 1.38
N LYS E 23 -40.01 -16.55 1.41
CA LYS E 23 -41.31 -16.22 0.83
C LYS E 23 -41.18 -15.82 -0.64
N ALA E 24 -42.17 -16.20 -1.44
CA ALA E 24 -42.20 -15.83 -2.85
C ALA E 24 -42.97 -14.53 -3.06
N SER E 25 -42.30 -13.53 -3.64
CA SER E 25 -42.92 -12.23 -3.90
C SER E 25 -43.39 -12.12 -5.34
N GLY E 26 -44.66 -11.77 -5.52
CA GLY E 26 -45.23 -11.63 -6.85
C GLY E 26 -45.24 -12.93 -7.62
N GLY E 27 -46.11 -13.85 -7.21
CA GLY E 27 -46.17 -15.17 -7.80
C GLY E 27 -45.84 -16.23 -6.78
N THR E 28 -46.34 -17.44 -7.00
CA THR E 28 -46.11 -18.53 -6.05
C THR E 28 -44.90 -19.38 -6.44
N PHE E 29 -44.67 -20.44 -5.69
CA PHE E 29 -43.59 -21.37 -6.01
C PHE E 29 -43.91 -22.18 -7.26
N SER E 30 -45.18 -22.12 -7.67
CA SER E 30 -45.66 -22.86 -8.83
C SER E 30 -45.32 -24.34 -8.71
N SER E 31 -44.65 -24.88 -9.71
CA SER E 31 -44.27 -26.29 -9.72
C SER E 31 -42.77 -26.46 -9.61
N TYR E 32 -42.09 -25.41 -9.15
CA TYR E 32 -40.63 -25.46 -9.03
C TYR E 32 -40.20 -25.87 -7.63
N ALA E 33 -39.16 -26.70 -7.57
CA ALA E 33 -38.61 -27.13 -6.29
C ALA E 33 -37.68 -26.06 -5.73
N ILE E 34 -37.55 -26.01 -4.40
CA ILE E 34 -36.70 -25.03 -3.75
C ILE E 34 -35.58 -25.73 -2.98
N SER E 35 -34.35 -25.25 -3.13
CA SER E 35 -33.21 -25.80 -2.41
C SER E 35 -32.57 -24.78 -1.48
N TRP E 36 -31.69 -25.26 -0.61
CA TRP E 36 -31.00 -24.39 0.34
C TRP E 36 -29.49 -24.55 0.22
N VAL E 37 -28.79 -23.43 0.09
CA VAL E 37 -27.34 -23.43 -0.02
C VAL E 37 -26.73 -22.38 0.91
N ARG E 38 -25.84 -22.81 1.81
CA ARG E 38 -25.18 -21.88 2.71
C ARG E 38 -23.77 -21.56 2.22
N GLN E 39 -23.22 -20.46 2.71
CA GLN E 39 -21.87 -20.05 2.33
C GLN E 39 -21.12 -19.47 3.52
N ALA E 40 -20.12 -20.21 3.99
CA ALA E 40 -19.25 -19.74 5.06
C ALA E 40 -18.51 -18.48 4.61
N PRO E 41 -18.23 -17.56 5.56
CA PRO E 41 -17.54 -16.30 5.26
C PRO E 41 -16.22 -16.48 4.55
N GLY E 42 -16.15 -16.02 3.30
CA GLY E 42 -14.93 -16.09 2.52
C GLY E 42 -14.68 -17.47 1.93
N GLN E 43 -15.71 -18.31 1.93
CA GLN E 43 -15.58 -19.66 1.41
C GLN E 43 -16.57 -19.94 0.28
N GLY E 44 -16.55 -21.17 -0.23
CA GLY E 44 -17.39 -21.54 -1.35
C GLY E 44 -18.83 -21.86 -0.98
N LEU E 45 -19.56 -22.42 -1.93
CA LEU E 45 -20.96 -22.78 -1.73
C LEU E 45 -21.12 -24.22 -1.26
N GLU E 46 -22.25 -24.49 -0.61
CA GLU E 46 -22.52 -25.83 -0.09
C GLU E 46 -24.02 -26.10 -0.03
N TRP E 47 -24.46 -27.05 -0.84
CA TRP E 47 -25.87 -27.46 -0.87
C TRP E 47 -26.24 -28.23 0.40
N MET E 48 -27.28 -27.77 1.09
CA MET E 48 -27.72 -28.41 2.32
C MET E 48 -28.91 -29.35 2.08
N GLY E 49 -29.88 -28.89 1.31
CA GLY E 49 -31.07 -29.68 1.05
C GLY E 49 -32.08 -28.99 0.17
N GLY E 50 -33.18 -29.68 -0.11
CA GLY E 50 -34.24 -29.14 -0.93
C GLY E 50 -35.60 -29.72 -0.58
N ILE E 51 -36.65 -29.23 -1.23
CA ILE E 51 -38.00 -29.69 -0.97
C ILE E 51 -38.92 -29.44 -2.18
N ILE E 52 -39.96 -30.26 -2.31
CA ILE E 52 -40.96 -30.10 -3.36
C ILE E 52 -42.26 -29.54 -2.79
N PRO E 53 -42.51 -28.23 -3.00
CA PRO E 53 -43.65 -27.51 -2.45
C PRO E 53 -45.01 -28.14 -2.73
N ILE E 54 -45.11 -28.87 -3.84
CA ILE E 54 -46.36 -29.50 -4.24
C ILE E 54 -46.65 -30.77 -3.44
N PHE E 55 -45.63 -31.60 -3.28
CA PHE E 55 -45.81 -32.89 -2.61
C PHE E 55 -45.34 -32.85 -1.16
N GLY E 56 -44.29 -32.08 -0.89
CA GLY E 56 -43.73 -31.99 0.45
C GLY E 56 -42.48 -32.84 0.58
N THR E 57 -42.08 -33.47 -0.52
CA THR E 57 -40.90 -34.32 -0.52
C THR E 57 -39.62 -33.51 -0.31
N ALA E 58 -39.00 -33.70 0.85
CA ALA E 58 -37.78 -32.98 1.19
C ALA E 58 -36.56 -33.89 1.06
N SER E 59 -35.49 -33.35 0.51
CA SER E 59 -34.23 -34.09 0.39
C SER E 59 -33.13 -33.40 1.20
N TYR E 60 -32.44 -34.18 2.03
CA TYR E 60 -31.38 -33.64 2.87
C TYR E 60 -30.03 -34.24 2.53
N ALA E 61 -28.99 -33.40 2.53
CA ALA E 61 -27.63 -33.87 2.33
C ALA E 61 -27.24 -34.82 3.46
N GLN E 62 -26.24 -35.65 3.21
CA GLN E 62 -25.82 -36.67 4.17
C GLN E 62 -25.29 -36.04 5.45
N LYS E 63 -24.68 -34.87 5.34
CA LYS E 63 -24.12 -34.18 6.50
C LYS E 63 -25.20 -33.64 7.43
N PHE E 64 -26.15 -32.93 6.84
CA PHE E 64 -27.24 -32.33 7.61
C PHE E 64 -28.44 -33.27 7.66
N GLN E 65 -28.17 -34.57 7.57
CA GLN E 65 -29.22 -35.59 7.53
C GLN E 65 -30.09 -35.57 8.78
N GLY E 66 -29.45 -35.63 9.95
CA GLY E 66 -30.18 -35.67 11.21
C GLY E 66 -30.09 -34.37 11.99
N ARG E 67 -29.92 -33.27 11.29
CA ARG E 67 -29.80 -31.96 11.93
C ARG E 67 -30.80 -30.95 11.39
N VAL E 68 -30.85 -30.82 10.06
CA VAL E 68 -31.70 -29.81 9.43
C VAL E 68 -33.04 -30.40 8.99
N THR E 69 -34.04 -29.53 8.87
CA THR E 69 -35.36 -29.93 8.42
C THR E 69 -35.97 -28.83 7.54
N ILE E 70 -36.45 -29.21 6.37
CA ILE E 70 -36.99 -28.25 5.41
C ILE E 70 -38.48 -28.46 5.18
N THR E 71 -39.27 -27.42 5.39
CA THR E 71 -40.72 -27.48 5.19
C THR E 71 -41.15 -26.36 4.25
N ALA E 72 -42.36 -26.46 3.71
CA ALA E 72 -42.90 -25.43 2.82
C ALA E 72 -44.42 -25.37 2.89
N ASP E 73 -44.96 -24.17 3.02
CA ASP E 73 -46.40 -23.96 3.00
C ASP E 73 -46.86 -23.44 1.64
N LYS E 74 -47.52 -24.30 0.87
CA LYS E 74 -47.96 -23.93 -0.47
C LYS E 74 -49.10 -22.91 -0.43
N SER E 75 -49.74 -22.80 0.73
CA SER E 75 -50.83 -21.84 0.92
C SER E 75 -50.30 -20.41 0.91
N THR E 76 -49.15 -20.21 1.56
CA THR E 76 -48.54 -18.89 1.65
C THR E 76 -47.32 -18.78 0.73
N SER E 77 -47.00 -19.89 0.06
CA SER E 77 -45.86 -19.97 -0.85
C SER E 77 -44.56 -19.57 -0.16
N THR E 78 -44.37 -20.07 1.05
CA THR E 78 -43.15 -19.80 1.81
C THR E 78 -42.41 -21.09 2.14
N ALA E 79 -41.08 -21.06 2.03
CA ALA E 79 -40.26 -22.20 2.37
C ALA E 79 -39.51 -21.95 3.68
N TYR E 80 -39.26 -23.01 4.44
CA TYR E 80 -38.58 -22.88 5.72
C TYR E 80 -37.40 -23.85 5.83
N MET E 81 -36.42 -23.48 6.65
CA MET E 81 -35.27 -24.33 6.90
C MET E 81 -34.83 -24.17 8.36
N GLU E 82 -34.95 -25.25 9.13
CA GLU E 82 -34.62 -25.22 10.55
C GLU E 82 -33.38 -26.04 10.85
N LEU E 83 -32.31 -25.34 11.23
CA LEU E 83 -31.04 -25.99 11.56
C LEU E 83 -30.81 -25.98 13.06
N SER E 84 -30.90 -27.16 13.68
CA SER E 84 -30.74 -27.27 15.12
C SER E 84 -29.34 -27.74 15.51
N SER E 85 -29.06 -27.75 16.81
CA SER E 85 -27.77 -28.15 17.35
C SER E 85 -26.64 -27.36 16.70
N LEU E 86 -26.79 -26.03 16.67
CA LEU E 86 -25.87 -25.15 15.97
C LEU E 86 -24.45 -25.19 16.55
N ARG E 87 -23.47 -25.23 15.66
CA ARG E 87 -22.06 -25.15 16.04
C ARG E 87 -21.46 -23.87 15.48
N SER E 88 -20.20 -23.61 15.83
CA SER E 88 -19.52 -22.41 15.36
C SER E 88 -19.30 -22.43 13.85
N GLU E 89 -19.20 -23.63 13.28
CA GLU E 89 -18.94 -23.78 11.85
C GLU E 89 -20.20 -23.49 11.02
N ASP E 90 -21.33 -23.33 11.69
CA ASP E 90 -22.60 -23.07 11.01
C ASP E 90 -22.76 -21.59 10.68
N THR E 91 -21.89 -20.77 11.26
CA THR E 91 -21.92 -19.33 11.02
C THR E 91 -21.68 -19.04 9.54
N ALA E 92 -22.75 -18.70 8.82
CA ALA E 92 -22.68 -18.49 7.39
C ALA E 92 -23.89 -17.74 6.86
N VAL E 93 -23.87 -17.44 5.57
CA VAL E 93 -25.02 -16.84 4.91
C VAL E 93 -25.85 -17.94 4.26
N TYR E 94 -27.14 -18.00 4.60
CA TYR E 94 -28.00 -19.06 4.10
C TYR E 94 -28.91 -18.56 2.98
N TYR E 95 -28.81 -19.21 1.82
CA TYR E 95 -29.60 -18.83 0.65
C TYR E 95 -30.68 -19.88 0.33
N CYS E 96 -31.80 -19.41 -0.18
CA CYS E 96 -32.80 -20.30 -0.75
C CYS E 96 -32.83 -20.08 -2.26
N ALA E 97 -32.80 -21.18 -3.02
CA ALA E 97 -32.74 -21.08 -4.47
C ALA E 97 -33.84 -21.89 -5.14
N ARG E 98 -34.23 -21.46 -6.34
CA ARG E 98 -35.26 -22.16 -7.09
C ARG E 98 -34.63 -23.01 -8.19
N VAL E 99 -35.05 -24.26 -8.29
CA VAL E 99 -34.61 -25.12 -9.36
C VAL E 99 -35.32 -24.75 -10.66
N GLY E 100 -34.72 -23.86 -11.43
CA GLY E 100 -35.33 -23.34 -12.64
C GLY E 100 -35.28 -24.31 -13.80
N TYR E 101 -34.10 -24.86 -14.08
CA TYR E 101 -33.92 -25.77 -15.19
C TYR E 101 -33.64 -27.20 -14.72
N CYS E 102 -34.45 -28.14 -15.17
CA CYS E 102 -34.31 -29.53 -14.78
C CYS E 102 -33.03 -30.14 -15.38
N SER E 103 -32.42 -31.06 -14.64
CA SER E 103 -31.25 -31.78 -15.14
C SER E 103 -31.68 -32.89 -16.08
N SER E 104 -30.71 -33.69 -16.53
CA SER E 104 -31.00 -34.82 -17.41
C SER E 104 -31.30 -36.07 -16.59
N THR E 105 -32.06 -35.88 -15.52
CA THR E 105 -32.34 -36.97 -14.58
C THR E 105 -33.61 -36.70 -13.78
N SER E 106 -33.71 -35.50 -13.21
CA SER E 106 -34.88 -35.13 -12.42
C SER E 106 -35.08 -33.61 -12.39
N CYS E 107 -36.12 -33.18 -11.70
CA CYS E 107 -36.44 -31.75 -11.64
C CYS E 107 -36.25 -31.16 -10.24
N ASN E 108 -35.97 -32.01 -9.26
CA ASN E 108 -35.57 -31.53 -7.95
C ASN E 108 -34.07 -31.32 -7.91
N ARG E 109 -33.41 -31.68 -9.01
CA ARG E 109 -31.99 -31.43 -9.20
C ARG E 109 -31.77 -30.66 -10.49
N GLY E 110 -30.95 -29.61 -10.43
CA GLY E 110 -30.69 -28.80 -11.60
C GLY E 110 -30.01 -27.49 -11.26
N ALA E 111 -30.05 -26.55 -12.20
CA ALA E 111 -29.41 -25.25 -12.01
C ALA E 111 -30.34 -24.30 -11.25
N PHE E 112 -29.73 -23.46 -10.41
CA PHE E 112 -30.49 -22.49 -9.62
C PHE E 112 -30.50 -21.12 -10.31
N ASP E 113 -31.68 -20.69 -10.74
CA ASP E 113 -31.81 -19.44 -11.48
C ASP E 113 -32.35 -18.30 -10.61
N ILE E 114 -33.17 -18.63 -9.61
CA ILE E 114 -33.72 -17.63 -8.71
C ILE E 114 -33.24 -17.82 -7.28
N TRP E 115 -32.46 -16.86 -6.80
CA TRP E 115 -31.89 -16.92 -5.46
C TRP E 115 -32.53 -15.90 -4.54
N GLY E 116 -32.36 -16.10 -3.22
CA GLY E 116 -32.81 -15.15 -2.24
C GLY E 116 -31.71 -14.14 -1.94
N GLN E 117 -32.01 -13.15 -1.11
CA GLN E 117 -31.03 -12.13 -0.78
C GLN E 117 -30.01 -12.65 0.22
N GLY E 118 -30.31 -13.79 0.84
CA GLY E 118 -29.43 -14.40 1.81
C GLY E 118 -29.80 -14.07 3.24
N THR E 119 -29.52 -15.00 4.15
CA THR E 119 -29.80 -14.80 5.56
C THR E 119 -28.56 -15.05 6.40
N MET E 120 -28.02 -14.00 7.01
CA MET E 120 -26.86 -14.12 7.87
C MET E 120 -27.22 -14.75 9.20
N VAL E 121 -26.54 -15.84 9.54
CA VAL E 121 -26.75 -16.51 10.82
C VAL E 121 -25.44 -16.62 11.59
N THR E 122 -25.36 -15.93 12.71
CA THR E 122 -24.16 -15.94 13.54
C THR E 122 -24.32 -16.85 14.75
N VAL E 123 -23.41 -17.81 14.88
CA VAL E 123 -23.41 -18.71 16.03
C VAL E 123 -22.18 -18.45 16.88
N SER E 124 -22.39 -17.84 18.04
CA SER E 124 -21.28 -17.48 18.92
C SER E 124 -21.74 -17.39 20.37
N SER E 125 -20.85 -17.78 21.29
CA SER E 125 -21.16 -17.72 22.71
C SER E 125 -21.12 -16.28 23.21
N ALA E 126 -20.57 -15.39 22.40
CA ALA E 126 -20.45 -13.99 22.75
C ALA E 126 -21.81 -13.32 22.88
N SER E 127 -21.90 -12.36 23.81
CA SER E 127 -23.13 -11.60 24.02
C SER E 127 -23.11 -10.32 23.22
N THR E 128 -24.27 -9.68 23.09
CA THR E 128 -24.39 -8.43 22.34
C THR E 128 -23.65 -7.30 23.06
N LYS E 129 -22.74 -6.65 22.34
CA LYS E 129 -21.94 -5.57 22.92
C LYS E 129 -21.73 -4.42 21.94
N GLY E 130 -21.84 -3.20 22.43
CA GLY E 130 -21.59 -2.02 21.61
C GLY E 130 -20.11 -1.77 21.41
N PRO E 131 -19.74 -1.14 20.30
CA PRO E 131 -18.35 -0.86 19.95
C PRO E 131 -17.78 0.38 20.63
N SER E 132 -16.46 0.43 20.75
CA SER E 132 -15.76 1.61 21.22
C SER E 132 -15.07 2.29 20.04
N VAL E 133 -15.32 3.58 19.87
CA VAL E 133 -14.79 4.30 18.72
C VAL E 133 -13.57 5.15 19.08
N PHE E 134 -12.40 4.71 18.63
CA PHE E 134 -11.16 5.43 18.90
C PHE E 134 -10.65 6.14 17.65
N PRO E 135 -10.16 7.37 17.80
CA PRO E 135 -9.69 8.18 16.66
C PRO E 135 -8.30 7.76 16.17
N LEU E 136 -8.10 7.87 14.86
CA LEU E 136 -6.78 7.64 14.27
C LEU E 136 -6.23 8.96 13.74
N ALA E 137 -5.59 9.72 14.62
CA ALA E 137 -5.07 11.04 14.28
C ALA E 137 -3.94 10.97 13.25
N PRO E 138 -3.91 11.93 12.32
CA PRO E 138 -2.85 12.02 11.30
C PRO E 138 -1.46 12.15 11.92
N THR E 147 -1.50 15.94 2.01
CA THR E 147 -1.96 14.58 1.77
C THR E 147 -1.68 13.68 2.98
N ALA E 148 -2.62 13.67 3.93
CA ALA E 148 -2.47 12.86 5.13
C ALA E 148 -3.57 11.80 5.22
N ALA E 149 -3.54 11.00 6.28
CA ALA E 149 -4.53 9.95 6.48
C ALA E 149 -5.04 9.92 7.91
N LEU E 150 -6.35 9.81 8.06
CA LEU E 150 -6.97 9.72 9.38
C LEU E 150 -8.16 8.76 9.34
N GLY E 151 -8.66 8.38 10.51
CA GLY E 151 -9.79 7.48 10.56
C GLY E 151 -10.29 7.14 11.95
N CYS E 152 -11.20 6.17 12.02
CA CYS E 152 -11.77 5.70 13.28
C CYS E 152 -11.49 4.23 13.46
N LEU E 153 -11.36 3.79 14.71
CA LEU E 153 -11.17 2.38 14.99
C LEU E 153 -12.37 1.83 15.77
N VAL E 154 -13.29 1.19 15.05
CA VAL E 154 -14.45 0.56 15.65
C VAL E 154 -14.05 -0.79 16.25
N LYS E 155 -13.73 -0.80 17.54
CA LYS E 155 -13.19 -1.99 18.17
C LYS E 155 -14.16 -2.62 19.17
N ASP E 156 -14.15 -3.95 19.22
CA ASP E 156 -14.88 -4.74 20.22
C ASP E 156 -16.40 -4.53 20.18
N TYR E 157 -17.07 -5.27 19.30
CA TYR E 157 -18.53 -5.26 19.26
C TYR E 157 -19.08 -6.59 18.77
N PHE E 158 -20.37 -6.79 19.00
CA PHE E 158 -21.05 -8.03 18.62
C PHE E 158 -22.56 -7.83 18.58
N PRO E 159 -23.21 -8.33 17.52
CA PRO E 159 -22.55 -8.94 16.36
C PRO E 159 -22.38 -7.95 15.21
N GLU E 160 -22.26 -8.49 14.00
CA GLU E 160 -22.23 -7.67 12.79
C GLU E 160 -23.62 -7.13 12.50
N PRO E 161 -23.72 -6.00 11.78
CA PRO E 161 -22.62 -5.17 11.28
C PRO E 161 -22.56 -3.79 11.91
N VAL E 162 -21.67 -2.95 11.41
CA VAL E 162 -21.60 -1.54 11.79
C VAL E 162 -21.43 -0.67 10.55
N THR E 163 -22.17 0.43 10.49
CA THR E 163 -22.09 1.33 9.36
C THR E 163 -21.23 2.53 9.71
N VAL E 164 -20.30 2.88 8.82
CA VAL E 164 -19.40 4.00 9.06
C VAL E 164 -19.43 5.00 7.91
N SER E 165 -19.78 6.25 8.24
CA SER E 165 -19.75 7.33 7.26
C SER E 165 -18.93 8.48 7.82
N TRP E 166 -18.70 9.50 6.99
CA TRP E 166 -17.91 10.64 7.41
C TRP E 166 -18.64 11.96 7.15
N ASN E 167 -18.68 12.79 8.18
CA ASN E 167 -19.40 14.07 8.15
C ASN E 167 -20.85 13.88 7.74
N SER E 168 -21.50 12.87 8.32
CA SER E 168 -22.90 12.55 8.07
C SER E 168 -23.18 12.32 6.58
N GLY E 169 -22.20 11.75 5.88
CA GLY E 169 -22.37 11.42 4.48
C GLY E 169 -21.74 12.42 3.53
N ALA E 170 -21.29 13.56 4.06
CA ALA E 170 -20.68 14.59 3.24
C ALA E 170 -19.39 14.10 2.61
N LEU E 171 -18.43 13.71 3.44
CA LEU E 171 -17.19 13.13 2.96
C LEU E 171 -17.45 11.70 2.49
N THR E 172 -17.15 11.41 1.24
CA THR E 172 -17.39 10.09 0.68
C THR E 172 -16.23 9.60 -0.19
N SER E 173 -15.49 10.54 -0.77
CA SER E 173 -14.39 10.19 -1.67
C SER E 173 -13.08 10.00 -0.90
N GLY E 174 -12.29 9.03 -1.33
CA GLY E 174 -11.03 8.73 -0.68
C GLY E 174 -11.24 8.03 0.65
N VAL E 175 -12.40 7.42 0.81
CA VAL E 175 -12.74 6.74 2.05
C VAL E 175 -12.67 5.22 1.90
N HIS E 176 -11.99 4.57 2.85
CA HIS E 176 -11.87 3.12 2.85
C HIS E 176 -12.31 2.50 4.17
N THR E 177 -13.52 1.96 4.19
CA THR E 177 -14.00 1.22 5.35
C THR E 177 -13.64 -0.25 5.21
N PHE E 178 -12.63 -0.69 5.94
CA PHE E 178 -12.13 -2.05 5.83
C PHE E 178 -13.09 -3.07 6.45
N PRO E 179 -13.10 -4.30 5.91
CA PRO E 179 -13.93 -5.38 6.47
C PRO E 179 -13.52 -5.68 7.91
N ALA E 180 -14.50 -5.77 8.80
CA ALA E 180 -14.22 -6.07 10.19
C ALA E 180 -13.61 -7.46 10.32
N VAL E 181 -12.78 -7.65 11.34
CA VAL E 181 -12.15 -8.94 11.58
C VAL E 181 -12.59 -9.48 12.93
N LEU E 182 -12.57 -10.80 13.08
CA LEU E 182 -13.00 -11.43 14.33
C LEU E 182 -11.82 -11.68 15.25
N GLN E 183 -11.78 -10.94 16.36
CA GLN E 183 -10.71 -11.08 17.34
C GLN E 183 -10.88 -12.35 18.15
N SER E 184 -9.87 -12.67 18.96
CA SER E 184 -9.89 -13.89 19.76
C SER E 184 -10.91 -13.82 20.89
N SER E 185 -11.38 -12.61 21.19
CA SER E 185 -12.35 -12.39 22.24
C SER E 185 -13.77 -12.73 21.80
N GLY E 186 -13.94 -12.98 20.50
CA GLY E 186 -15.24 -13.24 19.94
C GLY E 186 -15.93 -11.98 19.47
N LEU E 187 -15.22 -10.85 19.60
CA LEU E 187 -15.75 -9.56 19.18
C LEU E 187 -15.12 -9.11 17.86
N TYR E 188 -15.83 -8.25 17.14
CA TYR E 188 -15.35 -7.76 15.85
C TYR E 188 -14.64 -6.43 15.98
N SER E 189 -13.69 -6.18 15.09
CA SER E 189 -12.95 -4.91 15.07
C SER E 189 -12.81 -4.40 13.64
N LEU E 190 -13.43 -3.25 13.38
CA LEU E 190 -13.43 -2.67 12.04
C LEU E 190 -12.56 -1.42 11.99
N SER E 191 -11.94 -1.20 10.84
CA SER E 191 -11.14 0.02 10.62
C SER E 191 -11.67 0.79 9.42
N SER E 192 -11.77 2.11 9.58
CA SER E 192 -12.24 2.98 8.50
C SER E 192 -11.35 4.22 8.41
N VAL E 193 -10.73 4.43 7.25
CA VAL E 193 -9.83 5.56 7.06
C VAL E 193 -10.23 6.42 5.86
N VAL E 194 -9.73 7.66 5.85
CA VAL E 194 -10.00 8.59 4.76
C VAL E 194 -8.83 9.54 4.55
N THR E 195 -8.35 9.61 3.30
CA THR E 195 -7.23 10.49 2.97
C THR E 195 -7.72 11.89 2.61
N VAL E 196 -7.09 12.90 3.21
CA VAL E 196 -7.47 14.29 3.00
C VAL E 196 -6.24 15.17 2.81
N PRO E 197 -6.40 16.31 2.13
CA PRO E 197 -5.30 17.27 1.99
C PRO E 197 -4.83 17.82 3.35
N SER E 198 -3.54 18.14 3.45
CA SER E 198 -2.96 18.56 4.71
C SER E 198 -3.34 19.99 5.09
N SER E 199 -3.94 20.72 4.15
CA SER E 199 -4.31 22.11 4.39
C SER E 199 -5.70 22.22 5.04
N SER E 200 -6.39 21.09 5.16
CA SER E 200 -7.73 21.07 5.73
C SER E 200 -7.76 20.42 7.10
N LEU E 201 -6.59 20.30 7.72
CA LEU E 201 -6.49 19.68 9.05
C LEU E 201 -6.70 20.72 10.15
N GLY E 202 -6.95 21.96 9.75
CA GLY E 202 -7.20 23.03 10.70
C GLY E 202 -8.48 23.78 10.42
N THR E 203 -9.18 23.40 9.37
CA THR E 203 -10.41 24.06 8.97
C THR E 203 -11.61 23.11 9.00
N GLN E 204 -11.47 21.98 8.32
CA GLN E 204 -12.55 20.99 8.24
C GLN E 204 -12.61 20.12 9.49
N THR E 205 -13.83 19.87 9.97
CA THR E 205 -14.04 19.01 11.12
C THR E 205 -14.44 17.61 10.68
N TYR E 206 -13.47 16.70 10.68
CA TYR E 206 -13.70 15.32 10.25
C TYR E 206 -14.32 14.50 11.36
N ILE E 207 -15.60 14.22 11.26
CA ILE E 207 -16.32 13.46 12.28
C ILE E 207 -16.66 12.06 11.81
N CYS E 208 -16.27 11.07 12.61
CA CYS E 208 -16.53 9.67 12.32
C CYS E 208 -17.93 9.27 12.78
N ASN E 209 -18.75 8.79 11.86
CA ASN E 209 -20.12 8.40 12.18
C ASN E 209 -20.28 6.88 12.25
N VAL E 210 -20.25 6.34 13.46
CA VAL E 210 -20.38 4.90 13.66
C VAL E 210 -21.76 4.54 14.21
N ASN E 211 -22.40 3.53 13.60
CA ASN E 211 -23.72 3.09 14.03
C ASN E 211 -23.79 1.58 14.23
N HIS E 212 -24.22 1.16 15.41
CA HIS E 212 -24.40 -0.25 15.71
C HIS E 212 -25.84 -0.49 16.16
N LYS E 213 -26.64 -1.09 15.27
CA LYS E 213 -28.08 -1.26 15.49
C LYS E 213 -28.44 -2.20 16.66
N PRO E 214 -27.87 -3.42 16.71
CA PRO E 214 -28.37 -4.33 17.75
C PRO E 214 -27.93 -3.99 19.18
N SER E 215 -27.22 -2.88 19.37
CA SER E 215 -26.75 -2.50 20.69
C SER E 215 -27.09 -1.06 21.06
N ASN E 216 -27.83 -0.39 20.18
CA ASN E 216 -28.20 1.01 20.35
C ASN E 216 -26.99 1.90 20.62
N THR E 217 -25.96 1.74 19.81
CA THR E 217 -24.73 2.50 19.98
C THR E 217 -24.43 3.38 18.77
N LYS E 218 -24.71 4.66 18.91
CA LYS E 218 -24.37 5.63 17.86
C LYS E 218 -23.37 6.65 18.39
N VAL E 219 -22.20 6.70 17.77
CA VAL E 219 -21.14 7.60 18.22
C VAL E 219 -20.66 8.51 17.08
N ASP E 220 -20.65 9.81 17.35
CA ASP E 220 -20.14 10.79 16.39
C ASP E 220 -18.81 11.37 16.87
N LYS E 221 -17.75 10.58 16.73
CA LYS E 221 -16.43 10.99 17.21
C LYS E 221 -15.68 11.85 16.19
N LYS E 222 -15.31 13.05 16.62
CA LYS E 222 -14.50 13.94 15.79
C LYS E 222 -13.02 13.58 15.89
N VAL E 223 -12.39 13.32 14.75
CA VAL E 223 -10.97 13.01 14.72
C VAL E 223 -10.14 14.29 14.62
N GLU E 224 -9.27 14.49 15.61
CA GLU E 224 -8.39 15.66 15.62
C GLU E 224 -6.92 15.23 15.63
N PRO E 225 -6.08 15.95 14.86
CA PRO E 225 -4.65 15.62 14.77
C PRO E 225 -3.89 15.97 16.04
N LYS E 226 -2.81 15.26 16.31
CA LYS E 226 -1.96 15.54 17.47
C LYS E 226 -0.49 15.32 17.13
N ASP F 1 -19.85 -39.21 -3.02
CA ASP F 1 -20.04 -37.84 -3.48
C ASP F 1 -19.48 -37.62 -4.88
N ILE F 2 -19.90 -36.53 -5.52
CA ILE F 2 -19.40 -36.16 -6.83
C ILE F 2 -18.59 -34.88 -6.70
N GLN F 3 -17.26 -35.00 -6.77
CA GLN F 3 -16.38 -33.87 -6.49
C GLN F 3 -15.99 -33.10 -7.74
N LEU F 4 -15.85 -31.78 -7.59
CA LEU F 4 -15.49 -30.90 -8.69
C LEU F 4 -14.20 -30.13 -8.40
N THR F 5 -13.25 -30.20 -9.31
CA THR F 5 -12.00 -29.46 -9.18
C THR F 5 -11.96 -28.32 -10.19
N GLN F 6 -12.01 -27.08 -9.69
CA GLN F 6 -12.07 -25.91 -10.55
C GLN F 6 -10.70 -25.25 -10.70
N SER F 7 -10.35 -24.89 -11.92
CA SER F 7 -9.05 -24.30 -12.20
C SER F 7 -9.15 -23.19 -13.25
N PRO F 8 -8.39 -22.10 -13.05
CA PRO F 8 -7.48 -21.89 -11.92
C PRO F 8 -8.21 -21.32 -10.70
N SER F 9 -7.52 -21.28 -9.56
CA SER F 9 -8.08 -20.68 -8.36
C SER F 9 -8.20 -19.17 -8.51
N SER F 10 -7.06 -18.52 -8.73
CA SER F 10 -7.03 -17.09 -8.96
C SER F 10 -6.65 -16.78 -10.41
N LEU F 11 -6.99 -15.58 -10.88
CA LEU F 11 -6.69 -15.19 -12.26
C LEU F 11 -6.69 -13.67 -12.43
N SER F 12 -5.62 -13.13 -12.99
CA SER F 12 -5.54 -11.70 -13.28
C SER F 12 -5.64 -11.45 -14.78
N ALA F 13 -6.66 -10.70 -15.18
CA ALA F 13 -6.89 -10.44 -16.58
C ALA F 13 -7.31 -9.00 -16.81
N SER F 14 -7.02 -8.49 -18.00
CA SER F 14 -7.43 -7.14 -18.35
C SER F 14 -8.63 -7.21 -19.27
N VAL F 15 -9.19 -6.05 -19.60
CA VAL F 15 -10.32 -6.00 -20.51
C VAL F 15 -9.91 -6.53 -21.89
N GLY F 16 -10.77 -7.34 -22.48
CA GLY F 16 -10.52 -7.88 -23.81
C GLY F 16 -9.75 -9.18 -23.78
N ASP F 17 -9.39 -9.63 -22.58
CA ASP F 17 -8.69 -10.88 -22.42
C ASP F 17 -9.59 -12.07 -22.78
N ARG F 18 -8.95 -13.16 -23.18
CA ARG F 18 -9.64 -14.42 -23.47
C ARG F 18 -9.52 -15.34 -22.26
N VAL F 19 -10.65 -15.68 -21.65
CA VAL F 19 -10.64 -16.41 -20.40
C VAL F 19 -11.26 -17.80 -20.49
N THR F 20 -10.57 -18.80 -19.94
CA THR F 20 -11.07 -20.16 -19.91
C THR F 20 -11.00 -20.74 -18.50
N ILE F 21 -12.17 -20.95 -17.87
CA ILE F 21 -12.23 -21.54 -16.55
C ILE F 21 -12.65 -23.01 -16.64
N THR F 22 -11.76 -23.91 -16.23
CA THR F 22 -11.98 -25.33 -16.38
C THR F 22 -12.61 -25.96 -15.13
N CYS F 23 -13.61 -26.81 -15.36
CA CYS F 23 -14.25 -27.54 -14.28
C CYS F 23 -14.34 -29.03 -14.63
N ARG F 24 -13.54 -29.84 -13.95
CA ARG F 24 -13.48 -31.26 -14.24
C ARG F 24 -13.88 -32.09 -13.02
N ALA F 25 -14.91 -32.90 -13.17
CA ALA F 25 -15.44 -33.68 -12.07
C ALA F 25 -14.83 -35.08 -12.00
N SER F 26 -14.91 -35.70 -10.83
CA SER F 26 -14.37 -37.04 -10.63
C SER F 26 -15.16 -38.08 -11.43
N GLN F 27 -16.39 -38.34 -11.02
CA GLN F 27 -17.25 -39.27 -11.73
C GLN F 27 -17.96 -38.58 -12.90
N GLY F 28 -18.34 -39.36 -13.91
CA GLY F 28 -19.02 -38.82 -15.07
C GLY F 28 -20.42 -38.34 -14.77
N ILE F 29 -20.69 -37.08 -15.12
CA ILE F 29 -22.01 -36.49 -14.89
C ILE F 29 -22.70 -36.13 -16.20
N ARG F 30 -22.13 -36.62 -17.29
CA ARG F 30 -22.65 -36.37 -18.64
C ARG F 30 -22.74 -34.86 -18.94
N ASN F 31 -23.96 -34.39 -19.18
CA ASN F 31 -24.16 -32.99 -19.56
C ASN F 31 -24.85 -32.19 -18.44
N ASP F 32 -24.43 -32.42 -17.21
CA ASP F 32 -25.09 -31.80 -16.06
C ASP F 32 -24.15 -30.91 -15.24
N LEU F 33 -23.77 -29.77 -15.80
CA LEU F 33 -22.95 -28.81 -15.07
C LEU F 33 -23.53 -27.41 -15.17
N GLY F 34 -23.42 -26.66 -14.09
CA GLY F 34 -23.88 -25.28 -14.07
C GLY F 34 -22.77 -24.30 -13.78
N TRP F 35 -22.87 -23.10 -14.36
CA TRP F 35 -21.88 -22.05 -14.12
C TRP F 35 -22.54 -20.84 -13.46
N TYR F 36 -21.90 -20.31 -12.43
CA TYR F 36 -22.45 -19.19 -11.67
C TYR F 36 -21.48 -18.03 -11.56
N GLN F 37 -22.03 -16.85 -11.30
CA GLN F 37 -21.23 -15.65 -11.06
C GLN F 37 -21.62 -15.05 -9.72
N GLN F 38 -20.63 -14.69 -8.90
CA GLN F 38 -20.90 -14.08 -7.62
C GLN F 38 -20.00 -12.89 -7.34
N LYS F 39 -20.62 -11.73 -7.14
CA LYS F 39 -19.89 -10.52 -6.78
C LYS F 39 -19.97 -10.31 -5.26
N PRO F 40 -18.95 -9.67 -4.68
CA PRO F 40 -18.92 -9.43 -3.24
C PRO F 40 -20.15 -8.69 -2.71
N GLY F 41 -20.99 -9.42 -1.98
CA GLY F 41 -22.15 -8.82 -1.34
C GLY F 41 -23.48 -9.21 -1.97
N LYS F 42 -23.46 -10.17 -2.89
CA LYS F 42 -24.68 -10.62 -3.54
C LYS F 42 -24.76 -12.14 -3.67
N ALA F 43 -25.94 -12.62 -4.02
CA ALA F 43 -26.16 -14.04 -4.26
C ALA F 43 -25.64 -14.42 -5.64
N PRO F 44 -25.21 -15.69 -5.80
CA PRO F 44 -24.74 -16.19 -7.10
C PRO F 44 -25.76 -16.03 -8.22
N LYS F 45 -25.29 -15.62 -9.40
CA LYS F 45 -26.15 -15.49 -10.56
C LYS F 45 -25.86 -16.59 -11.58
N LEU F 46 -26.91 -17.27 -12.03
CA LEU F 46 -26.77 -18.35 -13.00
C LEU F 46 -26.35 -17.81 -14.37
N LEU F 47 -25.32 -18.44 -14.95
CA LEU F 47 -24.82 -18.05 -16.26
C LEU F 47 -25.05 -19.14 -17.30
N ILE F 48 -24.56 -20.34 -17.02
CA ILE F 48 -24.67 -21.46 -17.94
C ILE F 48 -25.29 -22.69 -17.28
N TYR F 49 -26.39 -23.17 -17.84
CA TYR F 49 -26.98 -24.44 -17.41
C TYR F 49 -26.87 -25.45 -18.53
N ALA F 50 -27.11 -26.72 -18.22
CA ALA F 50 -26.97 -27.82 -19.17
C ALA F 50 -25.57 -27.86 -19.79
N ALA F 51 -24.61 -27.30 -19.07
CA ALA F 51 -23.20 -27.27 -19.46
C ALA F 51 -22.92 -26.55 -20.79
N SER F 52 -23.96 -25.98 -21.41
CA SER F 52 -23.79 -25.31 -22.69
C SER F 52 -24.86 -24.26 -22.96
N SER F 53 -26.03 -24.43 -22.35
CA SER F 53 -27.16 -23.55 -22.61
C SER F 53 -26.95 -22.15 -22.02
N LEU F 54 -27.14 -21.14 -22.87
CA LEU F 54 -27.00 -19.75 -22.45
C LEU F 54 -28.27 -19.31 -21.71
N GLN F 55 -28.10 -18.80 -20.49
CA GLN F 55 -29.23 -18.43 -19.65
C GLN F 55 -29.91 -17.15 -20.16
N SER F 56 -31.21 -17.06 -19.96
CA SER F 56 -31.99 -15.93 -20.45
C SER F 56 -31.60 -14.62 -19.76
N GLY F 57 -30.92 -13.75 -20.50
CA GLY F 57 -30.55 -12.44 -19.97
C GLY F 57 -29.06 -12.14 -20.02
N VAL F 58 -28.25 -13.13 -19.67
CA VAL F 58 -26.81 -12.94 -19.60
C VAL F 58 -26.20 -12.74 -21.00
N PRO F 59 -25.13 -11.94 -21.08
CA PRO F 59 -24.44 -11.67 -22.35
C PRO F 59 -24.01 -12.91 -23.12
N SER F 60 -23.90 -12.80 -24.43
CA SER F 60 -23.58 -13.95 -25.28
C SER F 60 -22.08 -14.23 -25.33
N ARG F 61 -21.28 -13.36 -24.71
CA ARG F 61 -19.84 -13.56 -24.67
C ARG F 61 -19.50 -14.75 -23.76
N PHE F 62 -20.36 -15.01 -22.78
CA PHE F 62 -20.22 -16.18 -21.91
C PHE F 62 -20.70 -17.44 -22.62
N SER F 63 -19.90 -18.50 -22.53
CA SER F 63 -20.28 -19.78 -23.13
C SER F 63 -19.50 -20.93 -22.53
N GLY F 64 -20.23 -21.90 -21.98
CA GLY F 64 -19.62 -23.10 -21.42
C GLY F 64 -19.52 -24.20 -22.46
N SER F 65 -18.39 -24.90 -22.47
CA SER F 65 -18.15 -25.95 -23.46
C SER F 65 -17.72 -27.25 -22.80
N GLY F 66 -17.76 -28.34 -23.56
CA GLY F 66 -17.34 -29.63 -23.07
C GLY F 66 -18.46 -30.43 -22.44
N SER F 67 -18.32 -31.74 -22.46
CA SER F 67 -19.31 -32.64 -21.86
C SER F 67 -18.63 -33.86 -21.27
N GLY F 68 -19.42 -34.73 -20.65
CA GLY F 68 -18.89 -35.94 -20.04
C GLY F 68 -18.41 -35.71 -18.62
N THR F 69 -17.14 -35.35 -18.49
CA THR F 69 -16.55 -35.11 -17.18
C THR F 69 -15.60 -33.91 -17.19
N ASP F 70 -15.33 -33.38 -18.38
CA ASP F 70 -14.46 -32.22 -18.52
C ASP F 70 -15.23 -31.04 -19.10
N PHE F 71 -15.23 -29.92 -18.37
CA PHE F 71 -15.99 -28.74 -18.79
C PHE F 71 -15.14 -27.48 -18.72
N THR F 72 -15.54 -26.46 -19.47
CA THR F 72 -14.79 -25.21 -19.53
C THR F 72 -15.70 -24.02 -19.79
N LEU F 73 -15.64 -23.02 -18.91
CA LEU F 73 -16.38 -21.78 -19.10
C LEU F 73 -15.55 -20.77 -19.86
N THR F 74 -16.00 -20.42 -21.07
CA THR F 74 -15.26 -19.51 -21.92
C THR F 74 -16.01 -18.20 -22.12
N ILE F 75 -15.30 -17.08 -21.95
CA ILE F 75 -15.86 -15.77 -22.26
C ILE F 75 -14.97 -15.06 -23.29
N SER F 76 -15.58 -14.55 -24.34
CA SER F 76 -14.87 -13.96 -25.48
C SER F 76 -13.91 -12.84 -25.08
N SER F 77 -14.46 -11.77 -24.52
CA SER F 77 -13.65 -10.65 -24.04
C SER F 77 -14.32 -10.01 -22.83
N LEU F 78 -13.51 -9.67 -21.83
CA LEU F 78 -14.04 -9.22 -20.54
C LEU F 78 -14.64 -7.82 -20.57
N GLN F 79 -15.72 -7.65 -19.82
CA GLN F 79 -16.21 -6.34 -19.46
C GLN F 79 -16.18 -6.23 -17.94
N PRO F 80 -15.80 -5.07 -17.41
CA PRO F 80 -15.66 -4.86 -15.97
C PRO F 80 -16.87 -5.31 -15.15
N GLU F 81 -17.97 -5.62 -15.82
CA GLU F 81 -19.17 -6.14 -15.18
C GLU F 81 -19.02 -7.64 -14.93
N ASP F 82 -17.89 -8.20 -15.36
CA ASP F 82 -17.67 -9.64 -15.29
C ASP F 82 -16.62 -10.05 -14.27
N PHE F 83 -15.89 -9.08 -13.73
CA PHE F 83 -14.86 -9.37 -12.75
C PHE F 83 -15.46 -9.78 -11.41
N ALA F 84 -15.52 -11.09 -11.15
CA ALA F 84 -16.08 -11.62 -9.92
C ALA F 84 -15.58 -13.04 -9.66
N THR F 85 -16.22 -13.71 -8.71
CA THR F 85 -15.88 -15.10 -8.40
C THR F 85 -16.84 -16.04 -9.10
N TYR F 86 -16.31 -17.10 -9.71
CA TYR F 86 -17.13 -18.02 -10.48
C TYR F 86 -17.08 -19.44 -9.91
N TYR F 87 -18.24 -20.09 -9.85
CA TYR F 87 -18.34 -21.45 -9.36
C TYR F 87 -18.93 -22.38 -10.41
N CYS F 88 -18.64 -23.68 -10.29
CA CYS F 88 -19.25 -24.69 -11.13
C CYS F 88 -20.00 -25.69 -10.26
N GLN F 89 -21.20 -26.07 -10.70
CA GLN F 89 -22.04 -26.97 -9.89
C GLN F 89 -22.36 -28.26 -10.63
N GLN F 90 -22.35 -29.37 -9.90
CA GLN F 90 -22.80 -30.66 -10.42
C GLN F 90 -24.31 -30.76 -10.27
N LEU F 91 -24.99 -31.24 -11.31
CA LEU F 91 -26.45 -31.25 -11.34
C LEU F 91 -27.03 -32.66 -11.48
N ASN F 92 -26.16 -33.64 -11.68
CA ASN F 92 -26.60 -35.00 -11.98
C ASN F 92 -27.20 -35.74 -10.78
N SER F 93 -26.34 -36.14 -9.84
CA SER F 93 -26.78 -36.96 -8.71
C SER F 93 -26.58 -36.29 -7.36
N TYR F 94 -27.07 -36.94 -6.31
CA TYR F 94 -26.92 -36.45 -4.94
C TYR F 94 -25.58 -36.87 -4.35
N PRO F 95 -24.98 -36.00 -3.51
CA PRO F 95 -25.49 -34.66 -3.19
C PRO F 95 -24.97 -33.61 -4.16
N LEU F 96 -25.72 -32.52 -4.30
CA LEU F 96 -25.29 -31.41 -5.16
C LEU F 96 -24.03 -30.78 -4.58
N THR F 97 -22.99 -30.71 -5.40
CA THR F 97 -21.71 -30.15 -4.97
C THR F 97 -21.22 -29.07 -5.92
N PHE F 98 -20.40 -28.17 -5.38
CA PHE F 98 -19.85 -27.06 -6.16
C PHE F 98 -18.34 -27.19 -6.32
N GLY F 99 -17.77 -26.31 -7.15
CA GLY F 99 -16.33 -26.26 -7.30
C GLY F 99 -15.71 -25.34 -6.26
N GLY F 100 -14.39 -25.31 -6.20
CA GLY F 100 -13.69 -24.48 -5.24
C GLY F 100 -13.97 -23.01 -5.44
N GLY F 101 -14.03 -22.58 -6.71
CA GLY F 101 -14.28 -21.21 -7.05
C GLY F 101 -13.12 -20.58 -7.81
N THR F 102 -13.44 -19.67 -8.72
CA THR F 102 -12.42 -18.97 -9.49
C THR F 102 -12.64 -17.46 -9.47
N LYS F 103 -11.64 -16.74 -8.97
CA LYS F 103 -11.70 -15.29 -8.89
C LYS F 103 -10.96 -14.64 -10.04
N VAL F 104 -11.59 -13.66 -10.68
CA VAL F 104 -10.93 -12.87 -11.70
C VAL F 104 -10.90 -11.39 -11.29
N GLU F 105 -9.74 -10.76 -11.42
CA GLU F 105 -9.57 -9.38 -10.97
C GLU F 105 -9.15 -8.45 -12.10
N ILE F 106 -9.42 -7.16 -11.91
CA ILE F 106 -9.02 -6.14 -12.86
C ILE F 106 -7.49 -6.02 -12.86
N LYS F 107 -6.90 -5.90 -14.04
CA LYS F 107 -5.45 -5.89 -14.17
C LYS F 107 -4.92 -4.50 -14.55
N ARG F 108 -4.27 -3.84 -13.59
CA ARG F 108 -3.66 -2.55 -13.81
C ARG F 108 -2.14 -2.66 -13.73
N THR F 109 -1.46 -1.52 -13.80
CA THR F 109 -0.01 -1.48 -13.64
C THR F 109 0.36 -1.54 -12.16
N VAL F 110 1.61 -1.89 -11.89
CA VAL F 110 2.09 -2.03 -10.51
C VAL F 110 2.04 -0.70 -9.75
N ALA F 111 1.42 -0.73 -8.57
CA ALA F 111 1.31 0.48 -7.75
C ALA F 111 1.87 0.25 -6.34
N ALA F 112 2.67 1.19 -5.87
CA ALA F 112 3.29 1.09 -4.55
C ALA F 112 2.33 1.56 -3.45
N PRO F 113 2.28 0.82 -2.34
CA PRO F 113 1.42 1.16 -1.20
C PRO F 113 1.94 2.31 -0.35
N SER F 114 1.07 3.26 -0.03
CA SER F 114 1.40 4.32 0.90
C SER F 114 1.26 3.79 2.33
N VAL F 115 2.39 3.71 3.04
CA VAL F 115 2.39 3.11 4.37
C VAL F 115 2.21 4.15 5.48
N PHE F 116 1.08 4.09 6.16
CA PHE F 116 0.80 4.99 7.28
C PHE F 116 0.79 4.23 8.59
N ILE F 117 1.31 4.85 9.64
CA ILE F 117 1.33 4.26 10.97
C ILE F 117 0.46 5.07 11.92
N PHE F 118 -0.29 4.39 12.77
CA PHE F 118 -1.18 5.06 13.72
C PHE F 118 -0.98 4.57 15.15
N PRO F 119 -0.39 5.42 16.00
CA PRO F 119 -0.21 5.11 17.42
C PRO F 119 -1.54 4.96 18.15
N PRO F 120 -1.55 4.21 19.27
CA PRO F 120 -2.77 4.02 20.07
C PRO F 120 -3.31 5.35 20.61
N SER F 121 -4.62 5.55 20.49
CA SER F 121 -5.25 6.76 21.01
C SER F 121 -5.22 6.79 22.53
N ASP F 122 -5.30 7.99 23.11
CA ASP F 122 -5.25 8.14 24.55
C ASP F 122 -6.52 7.61 25.22
N GLU F 123 -7.59 7.48 24.43
CA GLU F 123 -8.84 6.94 24.95
C GLU F 123 -8.70 5.45 25.24
N GLN F 124 -8.08 4.72 24.32
CA GLN F 124 -7.92 3.28 24.47
C GLN F 124 -6.91 2.94 25.57
N LEU F 125 -5.91 3.79 25.74
CA LEU F 125 -4.89 3.57 26.76
C LEU F 125 -5.48 3.63 28.16
N LYS F 126 -6.55 4.40 28.32
CA LYS F 126 -7.24 4.47 29.61
C LYS F 126 -8.20 3.30 29.79
N SER F 127 -8.38 2.52 28.73
CA SER F 127 -9.29 1.38 28.78
C SER F 127 -8.57 0.10 29.16
N GLY F 128 -7.25 0.10 29.06
CA GLY F 128 -6.45 -1.04 29.46
C GLY F 128 -5.79 -1.78 28.32
N THR F 129 -6.15 -1.42 27.09
CA THR F 129 -5.58 -2.06 25.90
C THR F 129 -4.89 -1.06 25.00
N ALA F 130 -4.19 -1.56 23.98
CA ALA F 130 -3.48 -0.71 23.03
C ALA F 130 -3.49 -1.32 21.63
N SER F 131 -4.03 -0.58 20.68
CA SER F 131 -4.06 -1.03 19.29
C SER F 131 -3.23 -0.12 18.39
N VAL F 132 -2.23 -0.72 17.74
CA VAL F 132 -1.42 0.01 16.76
C VAL F 132 -1.87 -0.38 15.36
N VAL F 133 -2.22 0.63 14.56
CA VAL F 133 -2.74 0.40 13.22
C VAL F 133 -1.76 0.83 12.13
N CYS F 134 -1.45 -0.10 11.23
CA CYS F 134 -0.62 0.20 10.07
C CYS F 134 -1.48 0.21 8.81
N LEU F 135 -1.32 1.22 7.97
CA LEU F 135 -2.18 1.38 6.80
C LEU F 135 -1.42 1.22 5.49
N LEU F 136 -1.95 0.37 4.60
CA LEU F 136 -1.42 0.23 3.24
C LEU F 136 -2.48 0.68 2.26
N ASN F 137 -2.21 1.75 1.51
CA ASN F 137 -3.27 2.40 0.75
C ASN F 137 -3.08 2.35 -0.77
N ASN F 138 -4.16 1.99 -1.47
CA ASN F 138 -4.23 2.03 -2.93
C ASN F 138 -3.03 1.42 -3.64
N PHE F 139 -2.90 0.12 -3.56
CA PHE F 139 -1.75 -0.55 -4.16
C PHE F 139 -2.15 -1.74 -5.04
N TYR F 140 -1.17 -2.26 -5.78
CA TYR F 140 -1.37 -3.41 -6.64
C TYR F 140 -0.01 -4.06 -6.93
N PRO F 141 0.04 -5.39 -6.99
CA PRO F 141 -1.07 -6.34 -6.80
C PRO F 141 -1.53 -6.54 -5.36
N ARG F 142 -2.47 -7.47 -5.19
CA ARG F 142 -3.05 -7.84 -3.90
C ARG F 142 -2.00 -8.33 -2.92
N GLU F 143 -1.04 -9.10 -3.43
CA GLU F 143 0.00 -9.69 -2.60
C GLU F 143 0.88 -8.63 -1.94
N ALA F 144 0.94 -8.66 -0.62
CA ALA F 144 1.77 -7.72 0.14
C ALA F 144 2.04 -8.26 1.55
N LYS F 145 3.31 -8.32 1.92
CA LYS F 145 3.70 -8.82 3.24
C LYS F 145 3.77 -7.70 4.26
N VAL F 146 3.39 -8.01 5.50
CA VAL F 146 3.44 -7.03 6.58
C VAL F 146 3.65 -7.72 7.93
N GLN F 147 4.69 -7.29 8.64
CA GLN F 147 5.06 -7.89 9.93
C GLN F 147 5.22 -6.81 11.01
N TRP F 148 4.90 -7.17 12.25
CA TRP F 148 5.01 -6.24 13.37
C TRP F 148 6.24 -6.51 14.22
N LYS F 149 7.02 -5.46 14.49
CA LYS F 149 8.18 -5.57 15.37
C LYS F 149 8.03 -4.64 16.57
N VAL F 150 8.05 -5.21 17.76
CA VAL F 150 7.93 -4.42 18.99
C VAL F 150 9.27 -4.29 19.70
N GLN F 155 7.81 -9.07 17.12
CA GLN F 155 7.16 -9.91 18.11
C GLN F 155 6.24 -10.94 17.43
N SER F 156 5.15 -10.44 16.84
CA SER F 156 4.19 -11.26 16.09
C SER F 156 3.42 -12.26 16.95
N GLY F 157 2.22 -12.59 16.51
CA GLY F 157 1.37 -13.53 17.24
C GLY F 157 0.11 -12.88 17.78
N ASN F 158 0.09 -11.56 17.80
CA ASN F 158 -1.05 -10.82 18.36
C ASN F 158 -1.55 -9.74 17.40
N SER F 159 -1.50 -10.02 16.10
CA SER F 159 -1.97 -9.08 15.09
C SER F 159 -3.05 -9.69 14.22
N GLN F 160 -3.77 -8.84 13.51
CA GLN F 160 -4.85 -9.27 12.62
C GLN F 160 -5.11 -8.19 11.57
N GLU F 161 -5.57 -8.60 10.39
CA GLU F 161 -5.72 -7.63 9.30
C GLU F 161 -6.84 -7.99 8.32
N SER F 162 -7.21 -7.03 7.49
CA SER F 162 -8.19 -7.24 6.44
C SER F 162 -7.89 -6.36 5.23
N VAL F 163 -8.49 -6.69 4.09
CA VAL F 163 -8.25 -5.95 2.86
C VAL F 163 -9.54 -5.57 2.15
N THR F 164 -9.54 -4.39 1.52
CA THR F 164 -10.69 -3.94 0.75
C THR F 164 -10.78 -4.70 -0.56
N GLU F 165 -11.97 -4.73 -1.15
CA GLU F 165 -12.13 -5.30 -2.47
C GLU F 165 -11.46 -4.39 -3.48
N GLN F 166 -11.23 -4.90 -4.68
CA GLN F 166 -10.61 -4.12 -5.74
C GLN F 166 -11.50 -2.92 -6.08
N ASP F 167 -10.91 -1.72 -6.02
CA ASP F 167 -11.67 -0.48 -6.23
C ASP F 167 -12.22 -0.42 -7.65
N SER F 168 -13.27 0.37 -7.84
CA SER F 168 -14.00 0.37 -9.10
C SER F 168 -13.63 1.53 -10.03
N LYS F 169 -12.71 2.39 -9.61
CA LYS F 169 -12.33 3.52 -10.44
C LYS F 169 -10.83 3.53 -10.77
N ASP F 170 -10.05 2.76 -10.03
CA ASP F 170 -8.61 2.68 -10.27
C ASP F 170 -8.08 1.27 -10.07
N SER F 171 -8.96 0.36 -9.65
CA SER F 171 -8.62 -1.05 -9.50
C SER F 171 -7.47 -1.30 -8.52
N THR F 172 -7.47 -0.59 -7.40
CA THR F 172 -6.42 -0.77 -6.40
C THR F 172 -6.96 -1.42 -5.13
N TYR F 173 -6.05 -2.02 -4.36
CA TYR F 173 -6.40 -2.65 -3.10
C TYR F 173 -5.89 -1.82 -1.93
N SER F 174 -6.42 -2.09 -0.74
CA SER F 174 -5.96 -1.43 0.46
C SER F 174 -5.92 -2.42 1.63
N LEU F 175 -4.92 -2.29 2.49
CA LEU F 175 -4.75 -3.21 3.61
C LEU F 175 -4.71 -2.46 4.93
N SER F 176 -5.21 -3.10 5.98
CA SER F 176 -5.22 -2.51 7.31
C SER F 176 -4.94 -3.57 8.37
N SER F 177 -3.82 -3.41 9.08
CA SER F 177 -3.45 -4.35 10.12
C SER F 177 -3.49 -3.70 11.50
N THR F 178 -3.95 -4.45 12.49
CA THR F 178 -4.05 -3.94 13.86
C THR F 178 -3.26 -4.79 14.85
N LEU F 179 -2.26 -4.17 15.46
CA LEU F 179 -1.47 -4.82 16.51
C LEU F 179 -2.06 -4.52 17.87
N THR F 180 -2.61 -5.54 18.52
CA THR F 180 -3.29 -5.35 19.81
C THR F 180 -2.49 -5.93 20.97
N LEU F 181 -2.12 -5.06 21.91
CA LEU F 181 -1.43 -5.48 23.12
C LEU F 181 -2.11 -4.85 24.33
N SER F 182 -1.87 -5.42 25.52
CA SER F 182 -2.38 -4.83 26.75
C SER F 182 -1.62 -3.56 27.06
N LYS F 183 -2.19 -2.73 27.94
CA LYS F 183 -1.56 -1.48 28.33
C LYS F 183 -0.21 -1.71 28.99
N ALA F 184 -0.14 -2.74 29.84
CA ALA F 184 1.08 -3.08 30.55
C ALA F 184 2.16 -3.57 29.59
N ASP F 185 1.77 -4.45 28.67
CA ASP F 185 2.71 -5.00 27.70
C ASP F 185 3.15 -3.92 26.71
N TYR F 186 2.29 -2.93 26.50
CA TYR F 186 2.59 -1.83 25.60
C TYR F 186 3.61 -0.87 26.21
N GLU F 187 3.41 -0.54 27.48
CA GLU F 187 4.26 0.43 28.17
C GLU F 187 5.55 -0.19 28.71
N LYS F 188 5.82 -1.43 28.31
CA LYS F 188 7.06 -2.10 28.69
C LYS F 188 8.13 -1.86 27.64
N HIS F 189 7.68 -1.47 26.45
CA HIS F 189 8.59 -1.15 25.36
C HIS F 189 8.35 0.27 24.85
N LYS F 190 9.30 0.81 24.10
CA LYS F 190 9.19 2.18 23.60
C LYS F 190 9.29 2.23 22.08
N VAL F 191 9.56 1.09 21.46
CA VAL F 191 9.76 1.04 20.01
C VAL F 191 8.72 0.19 19.29
N TYR F 192 8.08 0.76 18.28
CA TYR F 192 7.05 0.04 17.51
C TYR F 192 7.17 0.35 16.02
N ALA F 193 7.33 -0.70 15.21
CA ALA F 193 7.53 -0.53 13.78
C ALA F 193 6.55 -1.36 12.94
N CYS F 194 6.46 -1.01 11.66
CA CYS F 194 5.61 -1.70 10.71
C CYS F 194 6.29 -1.81 9.35
N GLU F 195 6.84 -2.98 9.06
CA GLU F 195 7.57 -3.17 7.81
C GLU F 195 6.68 -3.80 6.74
N VAL F 196 6.70 -3.21 5.55
CA VAL F 196 5.87 -3.68 4.44
C VAL F 196 6.75 -4.14 3.28
N THR F 197 6.40 -5.27 2.68
CA THR F 197 7.09 -5.76 1.49
C THR F 197 6.09 -5.92 0.34
N HIS F 198 6.40 -5.32 -0.80
CA HIS F 198 5.47 -5.29 -1.94
C HIS F 198 6.26 -5.28 -3.25
N GLN F 199 5.58 -5.59 -4.35
CA GLN F 199 6.23 -5.62 -5.66
C GLN F 199 6.72 -4.23 -6.06
N GLY F 200 5.91 -3.21 -5.76
CA GLY F 200 6.29 -1.84 -6.03
C GLY F 200 7.41 -1.37 -5.12
N LEU F 201 7.63 -2.13 -4.05
CA LEU F 201 8.70 -1.81 -3.10
C LEU F 201 10.00 -2.49 -3.49
N SER F 202 10.99 -1.69 -3.86
CA SER F 202 12.32 -2.20 -4.18
C SER F 202 13.00 -2.70 -2.91
N SER F 203 12.52 -2.22 -1.77
CA SER F 203 13.04 -2.61 -0.47
C SER F 203 11.92 -2.60 0.57
N PRO F 204 12.01 -3.49 1.57
CA PRO F 204 11.01 -3.54 2.64
C PRO F 204 10.89 -2.22 3.40
N VAL F 205 9.98 -1.37 2.97
CA VAL F 205 9.80 -0.05 3.57
C VAL F 205 9.27 -0.13 5.00
N THR F 206 9.97 0.51 5.92
CA THR F 206 9.57 0.54 7.33
C THR F 206 8.96 1.89 7.70
N LYS F 207 7.89 1.85 8.49
CA LYS F 207 7.25 3.06 8.99
C LYS F 207 6.96 2.89 10.48
N SER F 208 7.65 3.67 11.31
CA SER F 208 7.58 3.47 12.75
C SER F 208 7.37 4.76 13.54
N PHE F 209 7.36 4.62 14.86
CA PHE F 209 7.29 5.76 15.77
C PHE F 209 7.85 5.35 17.14
N ASN F 210 7.92 6.31 18.05
CA ASN F 210 8.38 6.05 19.41
C ASN F 210 7.29 6.36 20.43
N ARG F 211 7.19 5.52 21.46
CA ARG F 211 6.19 5.73 22.50
C ARG F 211 6.49 6.99 23.32
#